data_1X88
#
_entry.id   1X88
#
_cell.length_a   69.706
_cell.length_b   79.648
_cell.length_c   159.451
_cell.angle_alpha   90.00
_cell.angle_beta   90.00
_cell.angle_gamma   90.00
#
_symmetry.space_group_name_H-M   'P 21 21 21'
#
loop_
_entity.id
_entity.type
_entity.pdbx_description
1 polymer 'Kinesin-like protein KIF11'
2 non-polymer 'MAGNESIUM ION'
3 non-polymer "ADENOSINE-5'-DIPHOSPHATE"
4 non-polymer 'ETHYL 4-(3-HYDROXYPHENYL)-6-METHYL-2-THIOXO-1,2,3,4-TETRAHYDROPYRIMIDINE-5-CARBOXYLATE'
5 water water
#
_entity_poly.entity_id   1
_entity_poly.type   'polypeptide(L)'
_entity_poly.pdbx_seq_one_letter_code
;KKKEEKGKNIQVVVRCRPFNLAERKASAHSIVECDPVRKEVSVRTGGLADKSSRKTYTFDMVFGASTKQIDVYRSVVCPI
LDEVIMGYNCTIFAYGQTGTGKTFTMEGERSPNEEYTWEEDPLAGIIPRTLHQIFEKLTDNGTEFSVKVSLLEIYNEELF
DLLNPSSDVSERLQMFDDPRNKRGVIIKGLEEITVHNKDEVYQILEKGAAKRTTAATLMNAYSSRSHSVFSVTIHMKETT
IDGEELVKIGKLNLVDLAGSENIGRSGAVDKRAREAGNINQSLLTLGRVITALVERTPHVPYRESKLTRILQDSLGGRTR
TSIIATISPASLNLEETLSTLEYAHRAKNILNKPEVNQK
;
_entity_poly.pdbx_strand_id   A,B
#
loop_
_chem_comp.id
_chem_comp.type
_chem_comp.name
_chem_comp.formula
ADP non-polymer ADENOSINE-5'-DIPHOSPHATE 'C10 H15 N5 O10 P2'
MG non-polymer 'MAGNESIUM ION' 'Mg 2'
NAT non-polymer 'ETHYL 4-(3-HYDROXYPHENYL)-6-METHYL-2-THIOXO-1,2,3,4-TETRAHYDROPYRIMIDINE-5-CARBOXYLATE' 'C14 H16 N2 O3 S'
#
# COMPACT_ATOMS: atom_id res chain seq x y z
N ASN A 9 25.44 3.81 -7.45
CA ASN A 9 24.07 3.77 -8.04
C ASN A 9 23.81 2.46 -8.76
N ILE A 10 22.53 2.06 -8.82
CA ILE A 10 22.17 0.84 -9.53
C ILE A 10 22.23 1.18 -11.01
N GLN A 11 22.39 0.16 -11.85
CA GLN A 11 22.46 0.38 -13.29
C GLN A 11 21.08 0.29 -13.94
N VAL A 12 20.76 1.27 -14.79
CA VAL A 12 19.48 1.26 -15.48
C VAL A 12 19.72 1.37 -16.98
N VAL A 13 19.18 0.41 -17.73
CA VAL A 13 19.31 0.42 -19.17
C VAL A 13 17.92 0.29 -19.80
N VAL A 14 17.80 0.71 -21.06
CA VAL A 14 16.53 0.65 -21.76
C VAL A 14 16.65 -0.17 -23.04
N ARG A 15 15.63 -0.97 -23.32
CA ARG A 15 15.63 -1.77 -24.54
C ARG A 15 14.29 -1.61 -25.23
N CYS A 16 14.32 -1.21 -26.49
CA CYS A 16 13.10 -1.03 -27.25
C CYS A 16 12.89 -2.28 -28.12
N ARG A 17 11.64 -2.72 -28.25
CA ARG A 17 11.37 -3.90 -29.06
C ARG A 17 11.13 -3.48 -30.51
N PRO A 18 11.35 -4.40 -31.45
CA PRO A 18 11.12 -4.07 -32.86
C PRO A 18 9.64 -4.23 -33.17
N PHE A 19 9.20 -3.70 -34.30
CA PHE A 19 7.80 -3.82 -34.70
C PHE A 19 7.47 -5.27 -35.04
N ASN A 20 6.22 -5.66 -34.81
CA ASN A 20 5.80 -7.02 -35.17
C ASN A 20 5.21 -6.95 -36.57
N LEU A 21 4.90 -8.10 -37.15
CA LEU A 21 4.36 -8.18 -38.49
C LEU A 21 3.12 -7.29 -38.70
N ALA A 22 2.23 -7.27 -37.71
CA ALA A 22 1.02 -6.45 -37.80
C ALA A 22 1.35 -4.97 -37.95
N GLU A 23 2.28 -4.50 -37.14
CA GLU A 23 2.69 -3.10 -37.18
C GLU A 23 3.46 -2.82 -38.47
N ARG A 24 4.20 -3.83 -38.92
CA ARG A 24 4.99 -3.72 -40.14
C ARG A 24 4.09 -3.44 -41.33
N LYS A 25 2.99 -4.19 -41.43
CA LYS A 25 2.03 -4.02 -42.52
C LYS A 25 1.32 -2.68 -42.46
N ALA A 26 1.08 -2.18 -41.25
CA ALA A 26 0.39 -0.92 -41.06
C ALA A 26 1.33 0.26 -41.37
N SER A 27 2.51 -0.06 -41.89
CA SER A 27 3.50 0.96 -42.22
C SER A 27 3.72 1.89 -41.04
N ALA A 28 3.84 1.30 -39.85
CA ALA A 28 4.06 2.06 -38.63
C ALA A 28 5.46 2.66 -38.57
N HIS A 29 5.55 3.85 -37.99
CA HIS A 29 6.82 4.55 -37.85
C HIS A 29 7.14 4.66 -36.37
N SER A 30 8.37 4.31 -36.00
CA SER A 30 8.80 4.35 -34.60
C SER A 30 8.83 5.76 -34.03
N ILE A 31 8.37 5.91 -32.79
CA ILE A 31 8.38 7.20 -32.12
C ILE A 31 9.53 7.20 -31.12
N VAL A 32 10.31 6.13 -31.14
CA VAL A 32 11.44 5.99 -30.24
C VAL A 32 12.76 5.98 -31.01
N GLU A 33 13.72 6.74 -30.50
CA GLU A 33 15.03 6.84 -31.11
C GLU A 33 16.07 6.57 -30.04
N CYS A 34 16.92 5.56 -30.28
CA CYS A 34 17.96 5.20 -29.32
C CYS A 34 19.36 5.52 -29.84
N ASP A 35 20.12 6.28 -29.06
CA ASP A 35 21.48 6.64 -29.42
C ASP A 35 22.44 6.00 -28.43
N PRO A 36 23.04 4.86 -28.79
CA PRO A 36 23.97 4.15 -27.91
C PRO A 36 25.20 4.98 -27.52
N VAL A 37 25.62 5.86 -28.43
CA VAL A 37 26.77 6.72 -28.18
C VAL A 37 26.47 7.72 -27.07
N ARG A 38 25.35 8.42 -27.20
CA ARG A 38 24.95 9.41 -26.20
C ARG A 38 24.19 8.71 -25.08
N LYS A 39 23.86 7.44 -25.29
CA LYS A 39 23.14 6.65 -24.31
C LYS A 39 21.82 7.34 -23.95
N GLU A 40 21.11 7.81 -24.97
CA GLU A 40 19.85 8.50 -24.78
C GLU A 40 18.71 7.80 -25.50
N VAL A 41 17.50 8.05 -24.99
CA VAL A 41 16.28 7.52 -25.57
C VAL A 41 15.42 8.75 -25.81
N SER A 42 15.04 8.97 -27.06
CA SER A 42 14.21 10.12 -27.39
C SER A 42 12.87 9.65 -27.92
N VAL A 43 11.79 10.21 -27.37
CA VAL A 43 10.45 9.83 -27.77
C VAL A 43 9.68 11.02 -28.35
N ARG A 44 9.07 10.80 -29.51
CA ARG A 44 8.28 11.85 -30.15
C ARG A 44 6.94 11.86 -29.43
N THR A 45 6.66 12.97 -28.74
CA THR A 45 5.42 13.11 -27.99
C THR A 45 4.35 13.87 -28.76
N GLY A 46 4.77 14.56 -29.82
CA GLY A 46 3.83 15.31 -30.63
C GLY A 46 4.54 15.99 -31.80
N GLY A 47 3.88 16.95 -32.42
CA GLY A 47 4.48 17.64 -33.55
C GLY A 47 4.10 17.01 -34.87
N LEU A 48 4.15 17.80 -35.95
CA LEU A 48 3.80 17.32 -37.27
C LEU A 48 4.96 17.37 -38.28
N ALA A 49 5.52 16.20 -38.56
CA ALA A 49 6.63 16.07 -39.52
C ALA A 49 7.78 17.06 -39.37
N ASP A 50 7.77 18.11 -40.18
CA ASP A 50 8.83 19.12 -40.17
C ASP A 50 9.12 19.79 -38.84
N LYS A 51 8.34 19.48 -37.80
CA LYS A 51 8.57 20.06 -36.49
C LYS A 51 7.76 19.29 -35.44
N SER A 52 8.39 19.01 -34.31
CA SER A 52 7.73 18.25 -33.26
C SER A 52 8.31 18.47 -31.89
N SER A 53 7.70 17.81 -30.90
CA SER A 53 8.15 17.90 -29.51
C SER A 53 8.66 16.52 -29.14
N ARG A 54 9.64 16.47 -28.25
CA ARG A 54 10.18 15.19 -27.82
C ARG A 54 10.59 15.20 -26.37
N LYS A 55 10.74 13.99 -25.82
CA LYS A 55 11.15 13.80 -24.44
C LYS A 55 12.39 12.92 -24.55
N THR A 56 13.51 13.38 -24.00
CA THR A 56 14.74 12.62 -24.07
C THR A 56 15.26 12.29 -22.68
N TYR A 57 15.78 11.07 -22.53
CA TYR A 57 16.31 10.62 -21.25
C TYR A 57 17.63 9.89 -21.50
N THR A 58 18.57 10.04 -20.58
CA THR A 58 19.84 9.36 -20.72
C THR A 58 19.92 8.24 -19.69
N PHE A 59 20.46 7.10 -20.10
CA PHE A 59 20.60 5.96 -19.20
C PHE A 59 22.03 5.41 -19.31
N ASP A 60 22.33 4.41 -18.49
CA ASP A 60 23.66 3.82 -18.50
C ASP A 60 23.96 3.13 -19.83
N MET A 61 22.92 2.55 -20.42
CA MET A 61 23.03 1.88 -21.72
C MET A 61 21.65 1.93 -22.38
N VAL A 62 21.63 2.02 -23.70
CA VAL A 62 20.37 2.03 -24.44
C VAL A 62 20.48 1.05 -25.60
N PHE A 63 19.46 0.22 -25.75
CA PHE A 63 19.45 -0.78 -26.80
C PHE A 63 18.29 -0.57 -27.76
N GLY A 64 18.62 -0.31 -29.02
CA GLY A 64 17.60 -0.08 -30.03
C GLY A 64 16.85 -1.33 -30.42
N ALA A 65 15.76 -1.13 -31.16
CA ALA A 65 14.91 -2.22 -31.62
C ALA A 65 15.63 -3.37 -32.31
N SER A 66 16.74 -3.08 -32.99
CA SER A 66 17.47 -4.11 -33.70
C SER A 66 18.52 -4.85 -32.87
N THR A 67 18.65 -4.48 -31.59
CA THR A 67 19.63 -5.12 -30.73
C THR A 67 19.37 -6.62 -30.58
N LYS A 68 20.41 -7.42 -30.76
CA LYS A 68 20.28 -8.86 -30.64
C LYS A 68 20.52 -9.33 -29.21
N GLN A 69 19.97 -10.48 -28.87
CA GLN A 69 20.10 -11.07 -27.54
C GLN A 69 21.55 -11.19 -27.09
N ILE A 70 22.42 -11.64 -27.97
CA ILE A 70 23.81 -11.81 -27.61
C ILE A 70 24.47 -10.50 -27.18
N ASP A 71 24.03 -9.41 -27.79
CA ASP A 71 24.60 -8.11 -27.46
C ASP A 71 24.09 -7.57 -26.13
N VAL A 72 22.85 -7.91 -25.78
CA VAL A 72 22.32 -7.47 -24.49
C VAL A 72 23.09 -8.24 -23.42
N TYR A 73 23.34 -9.52 -23.67
CA TYR A 73 24.05 -10.34 -22.69
C TYR A 73 25.49 -9.87 -22.50
N ARG A 74 26.19 -9.63 -23.61
CA ARG A 74 27.58 -9.17 -23.53
C ARG A 74 27.71 -7.85 -22.80
N SER A 75 26.87 -6.90 -23.17
CA SER A 75 26.89 -5.56 -22.59
C SER A 75 26.45 -5.47 -21.14
N VAL A 76 25.38 -6.18 -20.80
CA VAL A 76 24.84 -6.10 -19.45
C VAL A 76 25.13 -7.23 -18.49
N VAL A 77 24.95 -8.46 -18.96
CA VAL A 77 25.12 -9.61 -18.09
C VAL A 77 26.55 -10.11 -17.86
N CYS A 78 27.36 -10.14 -18.91
CA CYS A 78 28.74 -10.61 -18.74
C CYS A 78 29.42 -10.01 -17.52
N PRO A 79 29.40 -8.68 -17.37
CA PRO A 79 30.04 -8.03 -16.23
C PRO A 79 29.41 -8.47 -14.91
N ILE A 80 28.10 -8.64 -14.92
CA ILE A 80 27.36 -9.05 -13.74
C ILE A 80 27.69 -10.48 -13.34
N LEU A 81 27.79 -11.37 -14.33
CA LEU A 81 28.12 -12.76 -14.01
C LEU A 81 29.53 -12.84 -13.44
N ASP A 82 30.45 -12.02 -13.96
CA ASP A 82 31.80 -12.04 -13.44
C ASP A 82 31.78 -11.68 -11.96
N GLU A 83 30.91 -10.74 -11.59
CA GLU A 83 30.79 -10.31 -10.21
C GLU A 83 30.18 -11.41 -9.33
N VAL A 84 29.20 -12.12 -9.87
CA VAL A 84 28.57 -13.20 -9.13
C VAL A 84 29.65 -14.25 -8.83
N ILE A 85 30.46 -14.54 -9.84
CA ILE A 85 31.53 -15.52 -9.69
C ILE A 85 32.57 -15.06 -8.67
N MET A 86 32.67 -13.76 -8.44
CA MET A 86 33.62 -13.24 -7.45
C MET A 86 33.07 -13.45 -6.04
N GLY A 87 31.82 -13.90 -5.96
CA GLY A 87 31.20 -14.15 -4.68
C GLY A 87 30.27 -13.05 -4.19
N TYR A 88 29.72 -12.28 -5.13
CA TYR A 88 28.80 -11.22 -4.77
C TYR A 88 27.40 -11.59 -5.20
N ASN A 89 26.41 -10.87 -4.69
CA ASN A 89 25.02 -11.12 -5.05
C ASN A 89 24.62 -10.04 -6.05
N CYS A 90 23.90 -10.43 -7.09
CA CYS A 90 23.46 -9.50 -8.11
C CYS A 90 22.01 -9.78 -8.47
N THR A 91 21.32 -8.75 -8.95
CA THR A 91 19.95 -8.89 -9.35
C THR A 91 19.71 -8.08 -10.62
N ILE A 92 18.93 -8.65 -11.53
CA ILE A 92 18.58 -7.95 -12.75
C ILE A 92 17.06 -8.01 -12.84
N PHE A 93 16.44 -6.84 -12.96
CA PHE A 93 14.99 -6.71 -13.07
C PHE A 93 14.62 -6.36 -14.50
N ALA A 94 13.49 -6.88 -14.99
CA ALA A 94 12.98 -6.52 -16.30
C ALA A 94 11.69 -5.77 -15.94
N TYR A 95 11.60 -4.51 -16.34
CA TYR A 95 10.45 -3.68 -16.03
C TYR A 95 9.85 -3.04 -17.27
N GLY A 96 8.51 -3.02 -17.35
CA GLY A 96 7.88 -2.41 -18.50
C GLY A 96 6.47 -2.93 -18.77
N GLN A 97 5.80 -2.28 -19.71
CA GLN A 97 4.45 -2.65 -20.08
C GLN A 97 4.38 -4.03 -20.74
N THR A 98 3.27 -4.74 -20.50
CA THR A 98 3.09 -6.04 -21.10
C THR A 98 3.22 -5.87 -22.62
N GLY A 99 3.97 -6.79 -23.23
CA GLY A 99 4.17 -6.75 -24.67
C GLY A 99 5.40 -6.01 -25.14
N THR A 100 6.24 -5.54 -24.22
CA THR A 100 7.42 -4.80 -24.63
C THR A 100 8.74 -5.58 -24.66
N GLY A 101 8.71 -6.83 -24.20
CA GLY A 101 9.91 -7.64 -24.23
C GLY A 101 10.58 -8.04 -22.92
N LYS A 102 9.85 -8.00 -21.81
CA LYS A 102 10.46 -8.40 -20.55
C LYS A 102 10.85 -9.88 -20.60
N THR A 103 9.91 -10.72 -20.98
CA THR A 103 10.16 -12.15 -21.04
C THR A 103 11.13 -12.50 -22.15
N PHE A 104 11.02 -11.81 -23.28
CA PHE A 104 11.92 -12.06 -24.39
C PHE A 104 13.36 -11.78 -23.93
N THR A 105 13.53 -10.69 -23.18
CA THR A 105 14.85 -10.34 -22.70
C THR A 105 15.38 -11.28 -21.62
N MET A 106 14.55 -11.56 -20.62
CA MET A 106 14.98 -12.41 -19.53
C MET A 106 15.06 -13.90 -19.86
N GLU A 107 14.16 -14.37 -20.70
CA GLU A 107 14.11 -15.79 -21.07
C GLU A 107 14.50 -16.08 -22.51
N GLY A 108 13.93 -15.30 -23.42
CA GLY A 108 14.19 -15.51 -24.83
C GLY A 108 13.19 -16.52 -25.34
N GLU A 109 13.32 -16.87 -26.61
CA GLU A 109 12.44 -17.82 -27.26
C GLU A 109 13.26 -18.72 -28.18
N ARG A 110 12.59 -19.67 -28.83
CA ARG A 110 13.28 -20.56 -29.74
C ARG A 110 13.11 -20.06 -31.17
N SER A 111 14.16 -20.16 -31.97
CA SER A 111 14.08 -19.75 -33.36
C SER A 111 13.18 -20.81 -33.99
N PRO A 112 12.31 -20.41 -34.92
CA PRO A 112 11.38 -21.32 -35.58
C PRO A 112 12.01 -22.48 -36.38
N ASN A 113 11.21 -23.53 -36.57
CA ASN A 113 11.60 -24.70 -37.35
C ASN A 113 12.82 -25.48 -36.89
N GLU A 114 13.08 -25.49 -35.59
CA GLU A 114 14.22 -26.21 -35.03
C GLU A 114 15.51 -25.91 -35.76
N GLU A 115 15.70 -24.64 -36.14
CA GLU A 115 16.90 -24.24 -36.85
C GLU A 115 18.16 -24.37 -35.99
N TYR A 116 18.02 -24.15 -34.69
CA TYR A 116 19.16 -24.23 -33.76
C TYR A 116 18.89 -25.06 -32.52
N THR A 117 19.96 -25.54 -31.90
CA THR A 117 19.85 -26.28 -30.64
C THR A 117 19.73 -25.13 -29.63
N TRP A 118 19.31 -25.41 -28.40
CA TRP A 118 19.15 -24.35 -27.42
C TRP A 118 20.43 -23.57 -27.14
N GLU A 119 21.56 -24.28 -27.12
CA GLU A 119 22.86 -23.67 -26.84
C GLU A 119 23.30 -22.65 -27.87
N GLU A 120 22.87 -22.83 -29.12
CA GLU A 120 23.25 -21.92 -30.20
C GLU A 120 22.14 -21.02 -30.72
N ASP A 121 20.95 -21.11 -30.11
CA ASP A 121 19.84 -20.30 -30.56
C ASP A 121 20.06 -18.81 -30.31
N PRO A 122 20.08 -17.99 -31.38
CA PRO A 122 20.28 -16.55 -31.24
C PRO A 122 19.16 -15.84 -30.49
N LEU A 123 18.01 -16.49 -30.35
CA LEU A 123 16.90 -15.88 -29.65
C LEU A 123 16.89 -16.19 -28.16
N ALA A 124 17.84 -17.01 -27.71
CA ALA A 124 17.93 -17.34 -26.28
C ALA A 124 18.13 -16.05 -25.49
N GLY A 125 17.54 -15.99 -24.30
CA GLY A 125 17.65 -14.82 -23.46
C GLY A 125 18.68 -14.93 -22.34
N ILE A 126 18.60 -14.02 -21.38
CA ILE A 126 19.54 -13.98 -20.27
C ILE A 126 19.69 -15.24 -19.41
N ILE A 127 18.57 -15.84 -19.00
CA ILE A 127 18.65 -17.03 -18.17
C ILE A 127 19.42 -18.20 -18.80
N PRO A 128 19.02 -18.68 -19.99
CA PRO A 128 19.77 -19.79 -20.56
C PRO A 128 21.24 -19.48 -20.88
N ARG A 129 21.52 -18.26 -21.33
CA ARG A 129 22.89 -17.85 -21.65
C ARG A 129 23.76 -17.83 -20.40
N THR A 130 23.18 -17.35 -19.30
CA THR A 130 23.90 -17.26 -18.04
C THR A 130 24.27 -18.64 -17.52
N LEU A 131 23.30 -19.54 -17.49
CA LEU A 131 23.56 -20.89 -17.00
C LEU A 131 24.64 -21.56 -17.85
N HIS A 132 24.56 -21.40 -19.16
CA HIS A 132 25.55 -22.00 -20.05
C HIS A 132 26.93 -21.43 -19.79
N GLN A 133 27.01 -20.11 -19.62
CA GLN A 133 28.27 -19.42 -19.36
C GLN A 133 28.96 -19.79 -18.05
N ILE A 134 28.19 -20.06 -17.01
CA ILE A 134 28.77 -20.43 -15.72
C ILE A 134 29.68 -21.64 -15.87
N PHE A 135 29.18 -22.66 -16.57
CA PHE A 135 29.95 -23.88 -16.80
C PHE A 135 31.16 -23.62 -17.68
N GLU A 136 31.03 -22.69 -18.62
CA GLU A 136 32.12 -22.36 -19.52
C GLU A 136 33.24 -21.64 -18.79
N LYS A 137 32.86 -20.64 -17.99
CA LYS A 137 33.84 -19.85 -17.26
C LYS A 137 34.56 -20.63 -16.16
N LEU A 138 33.92 -21.67 -15.62
CA LEU A 138 34.55 -22.45 -14.56
C LEU A 138 34.96 -23.85 -15.01
N THR A 139 35.17 -24.02 -16.32
CA THR A 139 35.54 -25.32 -16.86
C THR A 139 36.77 -25.98 -16.24
N ASP A 140 37.86 -25.23 -16.11
CA ASP A 140 39.09 -25.80 -15.55
C ASP A 140 40.04 -24.77 -14.96
N ASN A 141 39.49 -23.84 -14.16
CA ASN A 141 40.31 -22.80 -13.56
C ASN A 141 40.71 -23.10 -12.12
N GLY A 142 40.41 -24.31 -11.65
CA GLY A 142 40.77 -24.67 -10.29
C GLY A 142 39.70 -24.40 -9.26
N THR A 143 38.54 -23.94 -9.70
CA THR A 143 37.45 -23.65 -8.79
C THR A 143 36.37 -24.71 -8.84
N GLU A 144 36.25 -25.49 -7.75
CA GLU A 144 35.23 -26.52 -7.68
C GLU A 144 33.94 -25.73 -7.45
N PHE A 145 32.83 -26.19 -8.02
CA PHE A 145 31.59 -25.44 -7.86
C PHE A 145 30.33 -26.28 -8.06
N SER A 146 29.22 -25.74 -7.56
CA SER A 146 27.93 -26.39 -7.72
C SER A 146 26.96 -25.26 -8.08
N VAL A 147 25.98 -25.59 -8.92
CA VAL A 147 25.00 -24.60 -9.35
C VAL A 147 23.61 -25.09 -8.97
N LYS A 148 22.83 -24.21 -8.34
CA LYS A 148 21.47 -24.57 -7.96
C LYS A 148 20.55 -23.45 -8.42
N VAL A 149 19.37 -23.83 -8.87
CA VAL A 149 18.41 -22.83 -9.35
C VAL A 149 17.05 -23.02 -8.69
N SER A 150 16.30 -21.93 -8.62
CA SER A 150 14.95 -21.97 -8.07
C SER A 150 14.13 -20.98 -8.87
N LEU A 151 12.84 -21.21 -8.96
CA LEU A 151 11.96 -20.32 -9.69
C LEU A 151 10.75 -20.06 -8.82
N LEU A 152 10.75 -18.89 -8.19
CA LEU A 152 9.68 -18.46 -7.30
C LEU A 152 8.83 -17.43 -8.02
N GLU A 153 7.52 -17.62 -7.98
CA GLU A 153 6.64 -16.66 -8.63
C GLU A 153 5.62 -16.11 -7.64
N ILE A 154 5.28 -14.85 -7.83
CA ILE A 154 4.34 -14.17 -6.96
C ILE A 154 3.13 -13.75 -7.78
N TYR A 155 1.95 -14.19 -7.36
CA TYR A 155 0.72 -13.84 -8.06
C TYR A 155 -0.35 -13.57 -7.01
N ASN A 156 -0.90 -12.36 -7.03
CA ASN A 156 -1.92 -11.97 -6.06
C ASN A 156 -1.36 -12.13 -4.64
N GLU A 157 -0.09 -11.79 -4.48
CA GLU A 157 0.61 -11.89 -3.19
C GLU A 157 0.74 -13.29 -2.62
N GLU A 158 0.58 -14.29 -3.47
CA GLU A 158 0.74 -15.68 -3.06
C GLU A 158 2.02 -16.19 -3.73
N LEU A 159 2.70 -17.13 -3.09
CA LEU A 159 3.95 -17.66 -3.61
C LEU A 159 3.82 -19.05 -4.20
N PHE A 160 4.41 -19.24 -5.38
CA PHE A 160 4.38 -20.53 -6.05
C PHE A 160 5.78 -20.97 -6.48
N ASP A 161 5.99 -22.28 -6.46
CA ASP A 161 7.26 -22.88 -6.85
C ASP A 161 7.06 -23.53 -8.21
N LEU A 162 7.62 -22.95 -9.26
CA LEU A 162 7.44 -23.49 -10.59
C LEU A 162 8.42 -24.61 -10.98
N LEU A 163 9.33 -24.96 -10.07
CA LEU A 163 10.29 -26.03 -10.35
C LEU A 163 10.07 -27.27 -9.49
N ASN A 164 9.02 -27.28 -8.69
CA ASN A 164 8.72 -28.44 -7.87
C ASN A 164 7.86 -29.38 -8.73
N PRO A 165 8.41 -30.53 -9.12
CA PRO A 165 7.74 -31.54 -9.95
C PRO A 165 6.62 -32.33 -9.27
N SER A 166 6.60 -32.34 -7.94
CA SER A 166 5.59 -33.10 -7.23
C SER A 166 4.49 -32.26 -6.58
N SER A 167 4.54 -30.94 -6.74
CA SER A 167 3.53 -30.07 -6.15
C SER A 167 2.55 -29.53 -7.17
N ASP A 168 1.31 -29.33 -6.74
CA ASP A 168 0.26 -28.82 -7.59
C ASP A 168 0.47 -27.31 -7.77
N VAL A 169 0.17 -26.80 -8.96
CA VAL A 169 0.34 -25.38 -9.24
C VAL A 169 -0.55 -24.56 -8.29
N SER A 170 -1.48 -25.24 -7.65
CA SER A 170 -2.40 -24.59 -6.72
C SER A 170 -1.75 -24.43 -5.34
N GLU A 171 -0.73 -25.23 -5.07
CA GLU A 171 -0.04 -25.19 -3.78
C GLU A 171 0.73 -23.90 -3.57
N ARG A 172 0.43 -23.20 -2.47
CA ARG A 172 1.10 -21.95 -2.15
C ARG A 172 2.22 -22.18 -1.12
N LEU A 173 3.25 -21.35 -1.16
CA LEU A 173 4.37 -21.47 -0.23
C LEU A 173 4.25 -20.43 0.86
N GLN A 174 4.87 -20.70 2.01
CA GLN A 174 4.83 -19.76 3.12
C GLN A 174 6.18 -19.08 3.30
N MET A 175 6.14 -17.78 3.60
CA MET A 175 7.34 -16.97 3.79
C MET A 175 7.52 -16.62 5.27
N PHE A 176 8.77 -16.70 5.74
CA PHE A 176 9.08 -16.37 7.13
C PHE A 176 10.37 -15.57 7.21
N ASP A 177 10.53 -14.79 8.27
CA ASP A 177 11.75 -14.01 8.44
C ASP A 177 12.85 -14.99 8.86
N ASP A 178 14.07 -14.75 8.41
CA ASP A 178 15.18 -15.63 8.75
C ASP A 178 15.75 -15.25 10.12
N PRO A 179 15.67 -16.16 11.09
CA PRO A 179 16.17 -15.92 12.45
C PRO A 179 17.61 -15.43 12.51
N ARG A 180 18.43 -15.92 11.58
CA ARG A 180 19.85 -15.55 11.54
C ARG A 180 20.14 -14.50 10.47
N ASN A 181 19.10 -13.78 10.05
CA ASN A 181 19.23 -12.72 9.06
C ASN A 181 18.10 -11.70 9.24
N LYS A 182 18.44 -10.56 9.81
CA LYS A 182 17.47 -9.49 10.07
C LYS A 182 16.66 -9.06 8.84
N ARG A 183 17.33 -8.90 7.70
CA ARG A 183 16.65 -8.49 6.48
C ARG A 183 16.50 -9.62 5.48
N GLY A 184 16.54 -10.85 5.99
CA GLY A 184 16.41 -12.02 5.12
C GLY A 184 15.14 -12.78 5.41
N VAL A 185 14.70 -13.58 4.45
CA VAL A 185 13.49 -14.37 4.62
C VAL A 185 13.74 -15.81 4.20
N ILE A 186 12.87 -16.70 4.64
CA ILE A 186 12.96 -18.11 4.30
C ILE A 186 11.65 -18.52 3.64
N ILE A 187 11.75 -19.09 2.45
CA ILE A 187 10.57 -19.54 1.73
C ILE A 187 10.46 -21.05 1.93
N LYS A 188 9.63 -21.44 2.90
CA LYS A 188 9.44 -22.85 3.22
C LYS A 188 8.95 -23.66 2.02
N GLY A 189 9.68 -24.73 1.70
CA GLY A 189 9.27 -25.58 0.60
C GLY A 189 9.82 -25.26 -0.78
N LEU A 190 10.40 -24.08 -0.95
CA LEU A 190 10.94 -23.71 -2.25
C LEU A 190 12.05 -24.67 -2.64
N GLU A 191 11.88 -25.36 -3.75
CA GLU A 191 12.87 -26.33 -4.19
C GLU A 191 14.03 -25.72 -4.96
N GLU A 192 15.22 -26.25 -4.70
CA GLU A 192 16.42 -25.83 -5.38
C GLU A 192 16.87 -27.02 -6.20
N ILE A 193 16.95 -26.83 -7.51
CA ILE A 193 17.37 -27.91 -8.39
C ILE A 193 18.85 -27.77 -8.70
N THR A 194 19.60 -28.84 -8.51
CA THR A 194 21.02 -28.79 -8.81
C THR A 194 21.23 -29.01 -10.29
N VAL A 195 21.97 -28.10 -10.91
CA VAL A 195 22.27 -28.20 -12.33
C VAL A 195 23.68 -28.78 -12.33
N HIS A 196 23.78 -30.08 -12.62
CA HIS A 196 25.07 -30.77 -12.60
C HIS A 196 26.01 -30.42 -13.73
N ASN A 197 25.45 -30.05 -14.87
CA ASN A 197 26.26 -29.70 -16.04
C ASN A 197 25.42 -28.93 -17.05
N LYS A 198 26.07 -28.36 -18.05
CA LYS A 198 25.38 -27.60 -19.08
C LYS A 198 24.29 -28.40 -19.78
N ASP A 199 24.49 -29.71 -19.88
CA ASP A 199 23.53 -30.58 -20.55
C ASP A 199 22.24 -30.87 -19.79
N GLU A 200 22.10 -30.29 -18.61
CA GLU A 200 20.91 -30.49 -17.78
C GLU A 200 20.05 -29.22 -17.77
N VAL A 201 20.63 -28.12 -18.24
CA VAL A 201 19.95 -26.83 -18.24
C VAL A 201 18.60 -26.75 -18.95
N TYR A 202 18.57 -27.10 -20.23
CA TYR A 202 17.33 -26.99 -20.99
C TYR A 202 16.15 -27.77 -20.44
N GLN A 203 16.35 -29.03 -20.10
CA GLN A 203 15.24 -29.83 -19.57
C GLN A 203 14.67 -29.23 -18.29
N ILE A 204 15.54 -28.69 -17.45
CA ILE A 204 15.10 -28.07 -16.20
C ILE A 204 14.22 -26.87 -16.53
N LEU A 205 14.65 -26.06 -17.48
CA LEU A 205 13.90 -24.88 -17.89
C LEU A 205 12.55 -25.29 -18.51
N GLU A 206 12.55 -26.33 -19.33
CA GLU A 206 11.32 -26.79 -19.98
C GLU A 206 10.26 -27.21 -18.95
N LYS A 207 10.71 -27.83 -17.86
CA LYS A 207 9.79 -28.27 -16.82
C LYS A 207 9.08 -27.09 -16.18
N GLY A 208 9.83 -26.02 -15.91
CA GLY A 208 9.24 -24.84 -15.31
C GLY A 208 8.24 -24.22 -16.28
N ALA A 209 8.60 -24.22 -17.57
CA ALA A 209 7.74 -23.64 -18.59
C ALA A 209 6.41 -24.39 -18.66
N ALA A 210 6.49 -25.72 -18.60
CA ALA A 210 5.30 -26.56 -18.66
C ALA A 210 4.39 -26.29 -17.46
N LYS A 211 5.00 -26.12 -16.29
CA LYS A 211 4.20 -25.87 -15.09
C LYS A 211 3.55 -24.49 -15.16
N ARG A 212 4.24 -23.53 -15.77
CA ARG A 212 3.65 -22.20 -15.87
C ARG A 212 2.43 -22.19 -16.79
N THR A 213 2.40 -23.10 -17.76
CA THR A 213 1.24 -23.17 -18.65
C THR A 213 0.03 -23.63 -17.83
N THR A 214 0.26 -24.53 -16.89
CA THR A 214 -0.82 -25.02 -16.05
C THR A 214 -1.31 -23.86 -15.19
N ALA A 215 -0.38 -23.05 -14.71
CA ALA A 215 -0.71 -21.89 -13.88
C ALA A 215 -1.58 -20.91 -14.67
N ALA A 216 -1.22 -20.68 -15.93
CA ALA A 216 -1.96 -19.75 -16.78
C ALA A 216 -3.39 -20.20 -17.00
N THR A 217 -3.60 -21.51 -17.07
CA THR A 217 -4.95 -22.03 -17.27
C THR A 217 -5.80 -21.79 -16.03
N LEU A 218 -5.18 -21.84 -14.87
CA LEU A 218 -5.88 -21.67 -13.59
C LEU A 218 -6.03 -20.24 -13.10
N MET A 219 -5.01 -19.42 -13.30
CA MET A 219 -5.03 -18.04 -12.82
C MET A 219 -5.13 -16.99 -13.91
N ASN A 220 -6.04 -16.04 -13.74
CA ASN A 220 -6.27 -14.99 -14.72
C ASN A 220 -5.06 -14.12 -15.04
N ALA A 221 -4.80 -13.96 -16.34
CA ALA A 221 -3.68 -13.15 -16.82
C ALA A 221 -2.40 -13.44 -16.06
N TYR A 222 -2.16 -14.72 -15.77
CA TYR A 222 -0.99 -15.12 -15.02
C TYR A 222 0.34 -14.58 -15.51
N SER A 223 0.61 -14.73 -16.81
CA SER A 223 1.87 -14.28 -17.38
C SER A 223 2.15 -12.78 -17.30
N SER A 224 1.10 -11.99 -17.19
CA SER A 224 1.29 -10.54 -17.11
C SER A 224 1.14 -9.96 -15.72
N ARG A 225 0.44 -10.67 -14.83
CA ARG A 225 0.24 -10.17 -13.47
C ARG A 225 1.21 -10.74 -12.45
N SER A 226 1.84 -11.85 -12.80
CA SER A 226 2.78 -12.50 -11.89
C SER A 226 4.18 -11.90 -11.97
N HIS A 227 4.94 -12.07 -10.90
CA HIS A 227 6.32 -11.63 -10.83
C HIS A 227 7.08 -12.94 -10.73
N SER A 228 8.16 -13.09 -11.48
CA SER A 228 8.92 -14.33 -11.36
C SER A 228 10.35 -14.02 -10.97
N VAL A 229 10.87 -14.81 -10.03
CA VAL A 229 12.24 -14.64 -9.57
C VAL A 229 12.99 -15.94 -9.83
N PHE A 230 13.86 -15.92 -10.83
CA PHE A 230 14.66 -17.09 -11.17
C PHE A 230 16.00 -16.84 -10.48
N SER A 231 16.36 -17.70 -9.54
CA SER A 231 17.60 -17.52 -8.81
C SER A 231 18.63 -18.58 -9.11
N VAL A 232 19.87 -18.15 -9.25
CA VAL A 232 20.98 -19.05 -9.53
C VAL A 232 21.99 -18.84 -8.41
N THR A 233 22.33 -19.91 -7.71
CA THR A 233 23.31 -19.82 -6.63
C THR A 233 24.50 -20.68 -7.01
N ILE A 234 25.69 -20.09 -6.92
CA ILE A 234 26.91 -20.81 -7.24
C ILE A 234 27.79 -20.90 -6.00
N HIS A 235 28.01 -22.11 -5.53
CA HIS A 235 28.87 -22.34 -4.37
C HIS A 235 30.23 -22.70 -4.96
N MET A 236 31.26 -21.98 -4.56
CA MET A 236 32.60 -22.20 -5.12
C MET A 236 33.66 -22.48 -4.06
N LYS A 237 34.63 -23.32 -4.41
CA LYS A 237 35.73 -23.63 -3.51
C LYS A 237 37.05 -23.69 -4.27
N GLU A 238 38.01 -22.91 -3.80
CA GLU A 238 39.34 -22.88 -4.40
C GLU A 238 40.29 -23.46 -3.37
N THR A 239 41.34 -24.12 -3.84
CA THR A 239 42.32 -24.70 -2.92
C THR A 239 43.66 -24.05 -3.28
N THR A 240 44.29 -23.38 -2.32
CA THR A 240 45.56 -22.72 -2.58
C THR A 240 46.68 -23.74 -2.74
N ILE A 241 47.84 -23.26 -3.13
CA ILE A 241 49.01 -24.11 -3.33
C ILE A 241 49.45 -24.72 -1.99
N ASP A 242 48.95 -24.18 -0.90
CA ASP A 242 49.28 -24.67 0.44
C ASP A 242 48.16 -25.51 1.05
N GLY A 243 47.21 -25.90 0.22
CA GLY A 243 46.11 -26.74 0.67
C GLY A 243 44.94 -26.04 1.34
N GLU A 244 45.02 -24.72 1.50
CA GLU A 244 43.94 -23.98 2.13
C GLU A 244 42.74 -23.86 1.19
N GLU A 245 41.54 -23.99 1.75
CA GLU A 245 40.32 -23.89 0.96
C GLU A 245 39.72 -22.51 1.05
N LEU A 246 39.44 -21.91 -0.10
CA LEU A 246 38.84 -20.58 -0.17
C LEU A 246 37.42 -20.75 -0.65
N VAL A 247 36.47 -20.22 0.11
CA VAL A 247 35.06 -20.34 -0.27
C VAL A 247 34.44 -19.01 -0.67
N LYS A 248 33.56 -19.08 -1.65
CA LYS A 248 32.83 -17.92 -2.11
C LYS A 248 31.49 -18.40 -2.65
N ILE A 249 30.46 -17.60 -2.38
CA ILE A 249 29.12 -17.94 -2.82
C ILE A 249 28.56 -16.75 -3.56
N GLY A 250 28.11 -16.98 -4.78
CA GLY A 250 27.53 -15.90 -5.57
C GLY A 250 26.09 -16.24 -5.88
N LYS A 251 25.23 -15.23 -5.88
CA LYS A 251 23.83 -15.46 -6.17
C LYS A 251 23.35 -14.43 -7.18
N LEU A 252 22.56 -14.89 -8.15
CA LEU A 252 22.02 -14.01 -9.16
C LEU A 252 20.52 -14.18 -9.24
N ASN A 253 19.80 -13.07 -9.09
CA ASN A 253 18.34 -13.08 -9.17
C ASN A 253 17.97 -12.48 -10.52
N LEU A 254 17.20 -13.20 -11.32
CA LEU A 254 16.76 -12.71 -12.62
C LEU A 254 15.25 -12.58 -12.48
N VAL A 255 14.81 -11.34 -12.37
CA VAL A 255 13.41 -11.02 -12.13
C VAL A 255 12.62 -10.47 -13.30
N ASP A 256 11.53 -11.15 -13.63
CA ASP A 256 10.63 -10.74 -14.72
C ASP A 256 9.40 -10.19 -13.98
N LEU A 257 9.33 -8.87 -13.86
CA LEU A 257 8.24 -8.22 -13.13
C LEU A 257 6.90 -8.23 -13.86
N ALA A 258 5.82 -8.05 -13.10
CA ALA A 258 4.48 -7.98 -13.68
C ALA A 258 4.45 -6.74 -14.58
N GLY A 259 3.57 -6.75 -15.58
CA GLY A 259 3.45 -5.61 -16.48
C GLY A 259 3.13 -4.34 -15.72
N SER A 260 3.77 -3.24 -16.12
CA SER A 260 3.60 -1.95 -15.48
C SER A 260 2.40 -1.11 -15.95
N GLU A 261 1.67 -1.58 -16.95
CA GLU A 261 0.55 -0.83 -17.49
C GLU A 261 -0.59 -0.54 -16.52
N ASN A 262 -1.28 0.58 -16.75
CA ASN A 262 -2.42 0.98 -15.93
C ASN A 262 -3.70 0.30 -16.40
N ASN A 278 -5.39 -6.22 -11.59
CA ASN A 278 -5.90 -5.07 -10.86
C ASN A 278 -5.40 -5.12 -9.41
N ILE A 279 -4.70 -4.08 -8.99
CA ILE A 279 -4.15 -4.00 -7.63
C ILE A 279 -3.06 -5.03 -7.42
N ASN A 280 -1.86 -4.70 -7.85
CA ASN A 280 -0.72 -5.59 -7.71
C ASN A 280 0.08 -5.02 -6.54
N GLN A 281 -0.18 -5.54 -5.34
CA GLN A 281 0.50 -5.04 -4.14
C GLN A 281 2.03 -5.01 -4.24
N SER A 282 2.62 -6.05 -4.82
CA SER A 282 4.08 -6.07 -4.94
C SER A 282 4.58 -5.03 -5.92
N LEU A 283 3.86 -4.84 -7.03
CA LEU A 283 4.28 -3.84 -8.00
C LEU A 283 4.13 -2.44 -7.39
N LEU A 284 3.02 -2.22 -6.69
CA LEU A 284 2.80 -0.92 -6.06
C LEU A 284 3.86 -0.64 -5.02
N THR A 285 4.21 -1.67 -4.24
CA THR A 285 5.21 -1.51 -3.20
C THR A 285 6.59 -1.30 -3.77
N LEU A 286 6.91 -1.98 -4.87
CA LEU A 286 8.22 -1.79 -5.49
C LEU A 286 8.39 -0.30 -5.82
N GLY A 287 7.36 0.31 -6.39
CA GLY A 287 7.43 1.72 -6.74
C GLY A 287 7.58 2.62 -5.53
N ARG A 288 6.87 2.29 -4.45
CA ARG A 288 6.95 3.09 -3.24
C ARG A 288 8.31 2.94 -2.57
N VAL A 289 8.90 1.76 -2.71
CA VAL A 289 10.24 1.51 -2.14
C VAL A 289 11.25 2.36 -2.90
N ILE A 290 11.13 2.37 -4.22
CA ILE A 290 12.05 3.15 -5.04
C ILE A 290 11.91 4.64 -4.71
N THR A 291 10.68 5.11 -4.55
CA THR A 291 10.45 6.51 -4.21
C THR A 291 11.05 6.85 -2.87
N ALA A 292 10.85 5.98 -1.89
CA ALA A 292 11.37 6.19 -0.55
C ALA A 292 12.90 6.26 -0.56
N LEU A 293 13.52 5.39 -1.37
CA LEU A 293 14.97 5.34 -1.48
C LEU A 293 15.56 6.59 -2.14
N VAL A 294 14.99 6.99 -3.26
CA VAL A 294 15.49 8.17 -3.97
C VAL A 294 15.25 9.46 -3.22
N GLU A 295 14.15 9.53 -2.47
CA GLU A 295 13.84 10.73 -1.70
C GLU A 295 14.50 10.66 -0.33
N ARG A 296 15.29 9.60 -0.14
CA ARG A 296 16.01 9.38 1.10
C ARG A 296 15.12 9.46 2.34
N THR A 297 13.89 9.00 2.22
CA THR A 297 12.98 9.00 3.35
C THR A 297 13.45 7.96 4.36
N PRO A 298 13.33 8.26 5.66
CA PRO A 298 13.75 7.36 6.74
C PRO A 298 13.21 5.95 6.61
N HIS A 299 11.90 5.84 6.42
CA HIS A 299 11.25 4.54 6.30
C HIS A 299 11.06 4.06 4.86
N VAL A 300 11.51 2.83 4.61
CA VAL A 300 11.38 2.21 3.29
C VAL A 300 10.43 1.04 3.52
N PRO A 301 9.25 1.07 2.87
CA PRO A 301 8.23 0.03 3.01
C PRO A 301 8.49 -1.37 2.44
N TYR A 302 9.68 -1.92 2.68
CA TYR A 302 10.03 -3.25 2.18
C TYR A 302 9.04 -4.33 2.61
N ARG A 303 8.60 -4.28 3.87
CA ARG A 303 7.69 -5.28 4.39
C ARG A 303 6.26 -5.22 3.88
N GLU A 304 5.93 -4.21 3.09
CA GLU A 304 4.57 -4.08 2.59
C GLU A 304 4.17 -5.00 1.43
N SER A 305 5.12 -5.77 0.90
CA SER A 305 4.82 -6.70 -0.17
C SER A 305 5.79 -7.88 -0.14
N LYS A 306 5.37 -9.01 -0.69
CA LYS A 306 6.23 -10.17 -0.69
C LYS A 306 7.42 -9.97 -1.61
N LEU A 307 7.20 -9.33 -2.76
CA LEU A 307 8.30 -9.09 -3.69
C LEU A 307 9.43 -8.26 -3.07
N THR A 308 9.07 -7.17 -2.42
CA THR A 308 10.09 -6.30 -1.82
C THR A 308 10.73 -6.89 -0.56
N ARG A 309 10.05 -7.83 0.09
CA ARG A 309 10.63 -8.47 1.28
C ARG A 309 11.68 -9.45 0.79
N ILE A 310 11.32 -10.21 -0.24
CA ILE A 310 12.22 -11.20 -0.81
C ILE A 310 13.46 -10.57 -1.43
N LEU A 311 13.28 -9.43 -2.10
CA LEU A 311 14.37 -8.74 -2.77
C LEU A 311 14.86 -7.47 -2.10
N GLN A 312 14.62 -7.34 -0.79
CA GLN A 312 15.02 -6.14 -0.04
C GLN A 312 16.48 -5.73 -0.25
N ASP A 313 17.38 -6.71 -0.25
CA ASP A 313 18.80 -6.39 -0.40
C ASP A 313 19.17 -5.89 -1.79
N SER A 314 18.27 -6.05 -2.75
CA SER A 314 18.51 -5.61 -4.13
C SER A 314 18.07 -4.16 -4.31
N LEU A 315 17.37 -3.63 -3.31
CA LEU A 315 16.86 -2.27 -3.36
C LEU A 315 17.47 -1.40 -2.26
N GLY A 316 18.62 -0.81 -2.56
CA GLY A 316 19.30 0.02 -1.59
C GLY A 316 20.06 -0.82 -0.59
N GLY A 317 20.39 -2.05 -0.98
CA GLY A 317 21.10 -2.95 -0.10
C GLY A 317 22.52 -3.21 -0.58
N ARG A 318 23.04 -4.40 -0.28
CA ARG A 318 24.39 -4.78 -0.65
C ARG A 318 24.49 -5.65 -1.91
N THR A 319 23.40 -5.74 -2.66
CA THR A 319 23.38 -6.52 -3.89
C THR A 319 23.58 -5.56 -5.07
N ARG A 320 24.39 -5.96 -6.04
CA ARG A 320 24.59 -5.11 -7.22
C ARG A 320 23.35 -5.31 -8.07
N THR A 321 22.61 -4.23 -8.30
CA THR A 321 21.36 -4.33 -9.04
C THR A 321 21.35 -3.59 -10.38
N SER A 322 20.64 -4.18 -11.34
CA SER A 322 20.47 -3.60 -12.66
C SER A 322 19.02 -3.72 -13.06
N ILE A 323 18.51 -2.71 -13.73
CA ILE A 323 17.14 -2.72 -14.20
C ILE A 323 17.13 -2.54 -15.71
N ILE A 324 16.44 -3.43 -16.40
CA ILE A 324 16.30 -3.34 -17.85
C ILE A 324 14.86 -2.89 -18.07
N ALA A 325 14.68 -1.64 -18.49
CA ALA A 325 13.36 -1.12 -18.75
C ALA A 325 13.04 -1.36 -20.22
N THR A 326 11.92 -2.04 -20.48
CA THR A 326 11.52 -2.35 -21.84
C THR A 326 10.41 -1.43 -22.34
N ILE A 327 10.54 -0.96 -23.57
CA ILE A 327 9.55 -0.05 -24.13
C ILE A 327 9.15 -0.47 -25.55
N SER A 328 8.10 0.16 -26.05
CA SER A 328 7.57 -0.12 -27.39
C SER A 328 7.83 1.06 -28.32
N PRO A 329 7.98 0.79 -29.62
CA PRO A 329 8.22 1.85 -30.61
C PRO A 329 6.93 2.43 -31.18
N ALA A 330 5.80 1.79 -30.88
CA ALA A 330 4.49 2.20 -31.38
C ALA A 330 3.91 3.45 -30.71
N SER A 331 3.34 4.34 -31.53
CA SER A 331 2.74 5.56 -31.02
C SER A 331 1.56 5.24 -30.10
N LEU A 332 0.96 4.07 -30.33
CA LEU A 332 -0.19 3.63 -29.53
C LEU A 332 0.19 3.46 -28.07
N ASN A 333 1.47 3.16 -27.81
CA ASN A 333 1.95 2.94 -26.45
C ASN A 333 2.68 4.14 -25.85
N LEU A 334 2.52 5.31 -26.47
CA LEU A 334 3.19 6.53 -26.01
C LEU A 334 3.11 6.78 -24.51
N GLU A 335 1.91 6.78 -23.96
CA GLU A 335 1.74 7.05 -22.54
C GLU A 335 2.48 6.08 -21.62
N GLU A 336 2.33 4.79 -21.88
CA GLU A 336 3.02 3.79 -21.05
C GLU A 336 4.54 3.85 -21.24
N THR A 337 4.97 4.16 -22.45
CA THR A 337 6.40 4.25 -22.71
C THR A 337 7.01 5.39 -21.90
N LEU A 338 6.34 6.55 -21.89
CA LEU A 338 6.83 7.68 -21.12
C LEU A 338 6.83 7.35 -19.63
N SER A 339 5.80 6.63 -19.20
CA SER A 339 5.69 6.25 -17.79
C SER A 339 6.85 5.35 -17.41
N THR A 340 7.15 4.38 -18.27
CA THR A 340 8.25 3.46 -18.02
C THR A 340 9.58 4.20 -17.98
N LEU A 341 9.79 5.12 -18.93
CA LEU A 341 11.04 5.86 -18.95
C LEU A 341 11.22 6.75 -17.72
N GLU A 342 10.14 7.39 -17.30
CA GLU A 342 10.19 8.27 -16.12
C GLU A 342 10.47 7.44 -14.87
N TYR A 343 9.86 6.25 -14.82
CA TYR A 343 10.04 5.35 -13.69
C TYR A 343 11.49 4.85 -13.62
N ALA A 344 12.01 4.44 -14.77
CA ALA A 344 13.38 3.94 -14.83
C ALA A 344 14.41 5.03 -14.56
N HIS A 345 14.20 6.21 -15.14
CA HIS A 345 15.13 7.31 -14.95
C HIS A 345 15.24 7.70 -13.49
N ARG A 346 14.14 7.63 -12.75
CA ARG A 346 14.13 7.96 -11.33
C ARG A 346 14.91 6.92 -10.55
N ALA A 347 14.74 5.65 -10.92
CA ALA A 347 15.40 4.54 -10.24
C ALA A 347 16.92 4.65 -10.31
N LYS A 348 17.42 5.40 -11.28
CA LYS A 348 18.87 5.57 -11.44
C LYS A 348 19.51 6.16 -10.20
N ASN A 349 18.72 6.89 -9.41
CA ASN A 349 19.23 7.54 -8.20
C ASN A 349 19.39 6.63 -6.98
N ILE A 350 19.00 5.37 -7.11
CA ILE A 350 19.12 4.42 -6.01
C ILE A 350 20.58 4.02 -5.78
N LEU A 351 21.01 4.09 -4.52
CA LEU A 351 22.38 3.77 -4.15
C LEU A 351 22.51 2.43 -3.41
N ASN A 352 23.36 1.55 -3.94
CA ASN A 352 23.61 0.24 -3.33
C ASN A 352 25.06 0.12 -2.88
N LYS A 353 25.32 -0.78 -1.93
CA LYS A 353 26.66 -0.98 -1.41
C LYS A 353 27.09 -2.44 -1.53
N PRO A 354 27.60 -2.84 -2.71
CA PRO A 354 28.06 -4.21 -2.99
C PRO A 354 28.87 -4.83 -1.85
N GLU A 355 28.49 -6.06 -1.49
CA GLU A 355 29.12 -6.86 -0.42
C GLU A 355 29.92 -6.06 0.61
N LYS B 8 -17.86 21.83 -0.06
CA LYS B 8 -17.38 22.20 1.30
C LYS B 8 -16.16 21.37 1.71
N ASN B 9 -15.08 22.05 2.06
CA ASN B 9 -13.85 21.37 2.47
C ASN B 9 -14.03 20.65 3.80
N ILE B 10 -13.26 19.58 3.99
CA ILE B 10 -13.31 18.82 5.23
C ILE B 10 -12.87 19.72 6.37
N GLN B 11 -13.60 19.70 7.48
CA GLN B 11 -13.23 20.53 8.61
C GLN B 11 -12.37 19.71 9.55
N VAL B 12 -11.26 20.31 9.99
CA VAL B 12 -10.34 19.63 10.89
C VAL B 12 -10.27 20.33 12.23
N VAL B 13 -10.49 19.55 13.28
CA VAL B 13 -10.46 20.05 14.64
C VAL B 13 -9.38 19.32 15.42
N VAL B 14 -8.69 20.04 16.29
CA VAL B 14 -7.65 19.42 17.09
C VAL B 14 -8.07 19.48 18.55
N ARG B 15 -7.88 18.38 19.27
CA ARG B 15 -8.23 18.36 20.68
C ARG B 15 -7.04 17.82 21.46
N CYS B 16 -6.53 18.63 22.38
CA CYS B 16 -5.41 18.23 23.20
C CYS B 16 -5.96 17.69 24.52
N ARG B 17 -5.45 16.54 24.94
CA ARG B 17 -5.90 15.96 26.19
C ARG B 17 -5.09 16.57 27.33
N PRO B 18 -5.63 16.53 28.56
CA PRO B 18 -4.93 17.09 29.71
C PRO B 18 -3.95 16.05 30.26
N PHE B 19 -3.05 16.49 31.14
CA PHE B 19 -2.10 15.58 31.76
C PHE B 19 -2.89 14.68 32.72
N ASN B 20 -2.45 13.44 32.86
CA ASN B 20 -3.11 12.50 33.77
C ASN B 20 -2.47 12.63 35.15
N LEU B 21 -2.98 11.89 36.13
CA LEU B 21 -2.45 11.95 37.49
C LEU B 21 -0.95 11.68 37.55
N ALA B 22 -0.50 10.69 36.79
CA ALA B 22 0.91 10.32 36.75
C ALA B 22 1.78 11.46 36.23
N GLU B 23 1.36 12.07 35.13
CA GLU B 23 2.10 13.17 34.54
C GLU B 23 2.11 14.37 35.47
N ARG B 24 1.03 14.55 36.22
CA ARG B 24 0.93 15.65 37.17
C ARG B 24 1.97 15.48 38.27
N LYS B 25 2.04 14.27 38.82
CA LYS B 25 2.98 13.94 39.88
C LYS B 25 4.42 14.12 39.44
N ALA B 26 4.68 13.90 38.16
CA ALA B 26 6.03 14.03 37.61
C ALA B 26 6.36 15.47 37.26
N SER B 27 5.44 16.38 37.59
CA SER B 27 5.61 17.80 37.32
C SER B 27 5.89 18.03 35.83
N ALA B 28 5.10 17.38 34.99
CA ALA B 28 5.28 17.50 33.55
C ALA B 28 4.88 18.89 33.05
N HIS B 29 5.65 19.39 32.08
CA HIS B 29 5.40 20.68 31.47
C HIS B 29 4.92 20.44 30.04
N SER B 30 3.74 20.97 29.72
CA SER B 30 3.17 20.79 28.40
C SER B 30 3.99 21.49 27.31
N ILE B 31 4.18 20.80 26.17
CA ILE B 31 4.92 21.37 25.06
C ILE B 31 3.94 21.88 24.02
N VAL B 32 2.65 21.83 24.37
CA VAL B 32 1.60 22.28 23.46
C VAL B 32 0.78 23.42 24.06
N GLU B 33 0.54 24.45 23.26
CA GLU B 33 -0.27 25.58 23.69
C GLU B 33 -1.39 25.75 22.69
N CYS B 34 -2.62 25.74 23.19
CA CYS B 34 -3.79 25.88 22.32
C CYS B 34 -4.43 27.25 22.48
N ASP B 35 -4.84 27.83 21.35
CA ASP B 35 -5.48 29.14 21.36
C ASP B 35 -6.74 29.03 20.50
N PRO B 36 -7.86 28.60 21.12
CA PRO B 36 -9.15 28.45 20.43
C PRO B 36 -9.58 29.66 19.61
N VAL B 37 -9.42 30.85 20.18
CA VAL B 37 -9.81 32.07 19.49
C VAL B 37 -9.05 32.23 18.18
N ARG B 38 -7.74 31.96 18.23
CA ARG B 38 -6.89 32.05 17.05
C ARG B 38 -6.90 30.75 16.25
N LYS B 39 -7.63 29.76 16.75
CA LYS B 39 -7.72 28.46 16.11
C LYS B 39 -6.33 27.90 15.80
N GLU B 40 -5.41 28.13 16.73
CA GLU B 40 -4.03 27.68 16.55
C GLU B 40 -3.53 26.74 17.63
N VAL B 41 -2.56 25.94 17.25
CA VAL B 41 -1.90 25.00 18.14
C VAL B 41 -0.41 25.27 17.96
N SER B 42 0.28 25.58 19.05
CA SER B 42 1.71 25.85 18.99
C SER B 42 2.45 24.78 19.76
N VAL B 43 3.48 24.22 19.14
CA VAL B 43 4.26 23.14 19.74
C VAL B 43 5.73 23.51 19.94
N ARG B 44 6.21 23.33 21.17
CA ARG B 44 7.61 23.59 21.48
C ARG B 44 8.39 22.43 20.87
N THR B 45 9.28 22.72 19.93
CA THR B 45 10.02 21.68 19.24
C THR B 45 11.46 21.37 19.66
N GLY B 46 12.15 22.29 20.35
CA GLY B 46 13.52 21.98 20.73
C GLY B 46 14.34 23.00 21.49
N GLY B 47 14.29 24.26 21.08
CA GLY B 47 15.07 25.29 21.75
C GLY B 47 14.78 25.48 23.23
N LEU B 48 14.03 24.54 23.82
CA LEU B 48 13.64 24.57 25.22
C LEU B 48 14.59 25.27 26.20
N ALA B 49 14.03 25.69 27.33
CA ALA B 49 14.76 26.37 28.42
C ALA B 49 14.82 27.90 28.33
N ASP B 50 13.80 28.56 28.90
CA ASP B 50 13.74 30.02 28.91
C ASP B 50 13.61 30.60 27.49
N LYS B 51 14.09 29.84 26.53
CA LYS B 51 14.06 30.20 25.11
C LYS B 51 13.67 28.93 24.37
N SER B 52 13.31 29.05 23.09
CA SER B 52 12.93 27.88 22.31
C SER B 52 12.26 28.19 20.97
N SER B 53 12.27 27.19 20.09
CA SER B 53 11.65 27.32 18.79
C SER B 53 10.29 26.62 18.85
N ARG B 54 9.40 26.98 17.95
CA ARG B 54 8.07 26.36 17.94
C ARG B 54 7.51 26.26 16.53
N LYS B 55 6.50 25.40 16.38
CA LYS B 55 5.83 25.22 15.11
C LYS B 55 4.35 25.43 15.40
N THR B 56 3.72 26.32 14.63
CA THR B 56 2.31 26.62 14.84
C THR B 56 1.49 26.16 13.65
N TYR B 57 0.26 25.74 13.95
CA TYR B 57 -0.66 25.27 12.92
C TYR B 57 -2.03 25.89 13.17
N THR B 58 -2.75 26.19 12.10
CA THR B 58 -4.08 26.76 12.21
C THR B 58 -5.08 25.73 11.71
N PHE B 59 -6.16 25.53 12.45
CA PHE B 59 -7.19 24.58 12.06
C PHE B 59 -8.56 25.23 12.06
N ASP B 60 -9.59 24.43 11.79
CA ASP B 60 -10.94 24.96 11.78
C ASP B 60 -11.40 25.22 13.21
N MET B 61 -10.94 24.39 14.14
CA MET B 61 -11.24 24.54 15.55
C MET B 61 -10.14 23.90 16.37
N VAL B 62 -9.83 24.51 17.52
CA VAL B 62 -8.81 23.99 18.40
C VAL B 62 -9.38 23.94 19.82
N PHE B 63 -9.22 22.80 20.47
CA PHE B 63 -9.71 22.60 21.84
C PHE B 63 -8.55 22.22 22.73
N GLY B 64 -8.33 22.99 23.79
CA GLY B 64 -7.25 22.72 24.71
C GLY B 64 -7.62 21.71 25.78
N ALA B 65 -6.67 21.45 26.69
CA ALA B 65 -6.85 20.49 27.77
C ALA B 65 -8.07 20.66 28.68
N SER B 66 -8.54 21.90 28.85
CA SER B 66 -9.69 22.14 29.72
C SER B 66 -11.03 21.82 29.06
N THR B 67 -11.00 21.47 27.79
CA THR B 67 -12.21 21.18 27.04
C THR B 67 -12.93 19.94 27.55
N LYS B 68 -14.21 20.10 27.87
CA LYS B 68 -15.01 18.98 28.35
C LYS B 68 -15.81 18.39 27.20
N GLN B 69 -16.37 17.20 27.43
CA GLN B 69 -17.15 16.52 26.39
C GLN B 69 -18.30 17.37 25.85
N ILE B 70 -19.02 18.05 26.75
CA ILE B 70 -20.13 18.87 26.32
C ILE B 70 -19.67 20.03 25.43
N ASP B 71 -18.45 20.51 25.65
CA ASP B 71 -17.91 21.61 24.84
C ASP B 71 -17.73 21.11 23.41
N VAL B 72 -17.17 19.90 23.26
CA VAL B 72 -16.95 19.31 21.95
C VAL B 72 -18.28 19.07 21.24
N TYR B 73 -19.27 18.55 21.97
CA TYR B 73 -20.56 18.26 21.37
C TYR B 73 -21.29 19.50 20.88
N ARG B 74 -21.38 20.51 21.73
CA ARG B 74 -22.07 21.75 21.36
C ARG B 74 -21.49 22.49 20.17
N SER B 75 -20.16 22.53 20.06
CA SER B 75 -19.52 23.25 18.97
C SER B 75 -19.26 22.46 17.69
N VAL B 76 -19.05 21.15 17.82
CA VAL B 76 -18.76 20.32 16.67
C VAL B 76 -19.86 19.39 16.20
N VAL B 77 -20.39 18.59 17.12
CA VAL B 77 -21.40 17.60 16.77
C VAL B 77 -22.80 18.13 16.50
N CYS B 78 -23.30 19.01 17.37
CA CYS B 78 -24.65 19.55 17.19
C CYS B 78 -24.91 20.05 15.77
N PRO B 79 -24.03 20.88 15.21
CA PRO B 79 -24.22 21.39 13.85
C PRO B 79 -24.28 20.26 12.83
N ILE B 80 -23.40 19.28 13.02
CA ILE B 80 -23.34 18.14 12.11
C ILE B 80 -24.60 17.29 12.21
N LEU B 81 -25.08 17.06 13.43
CA LEU B 81 -26.30 16.27 13.60
C LEU B 81 -27.48 16.99 12.96
N ASP B 82 -27.51 18.32 13.05
CA ASP B 82 -28.62 19.05 12.43
C ASP B 82 -28.62 18.80 10.92
N GLU B 83 -27.43 18.72 10.32
CA GLU B 83 -27.34 18.49 8.89
C GLU B 83 -27.82 17.07 8.56
N VAL B 84 -27.51 16.13 9.44
CA VAL B 84 -27.95 14.75 9.23
C VAL B 84 -29.48 14.70 9.30
N ILE B 85 -30.05 15.44 10.24
CA ILE B 85 -31.49 15.48 10.40
C ILE B 85 -32.18 16.16 9.21
N MET B 86 -31.43 16.96 8.45
CA MET B 86 -31.95 17.62 7.26
C MET B 86 -32.00 16.62 6.11
N GLY B 87 -31.42 15.44 6.33
CA GLY B 87 -31.42 14.40 5.31
C GLY B 87 -30.12 14.29 4.52
N TYR B 88 -29.02 14.61 5.18
CA TYR B 88 -27.69 14.54 4.55
C TYR B 88 -26.86 13.43 5.20
N ASN B 89 -25.72 13.14 4.62
CA ASN B 89 -24.81 12.14 5.18
C ASN B 89 -23.60 12.89 5.72
N CYS B 90 -23.16 12.51 6.91
CA CYS B 90 -22.00 13.13 7.54
C CYS B 90 -21.11 12.07 8.16
N THR B 91 -19.82 12.40 8.26
CA THR B 91 -18.84 11.50 8.86
C THR B 91 -17.88 12.28 9.74
N ILE B 92 -17.54 11.69 10.89
CA ILE B 92 -16.59 12.30 11.80
C ILE B 92 -15.54 11.25 12.13
N PHE B 93 -14.28 11.57 11.85
CA PHE B 93 -13.15 10.69 12.12
C PHE B 93 -12.42 11.16 13.38
N ALA B 94 -11.85 10.21 14.11
CA ALA B 94 -11.02 10.53 15.27
C ALA B 94 -9.67 9.97 14.84
N TYR B 95 -8.67 10.83 14.79
CA TYR B 95 -7.33 10.44 14.36
C TYR B 95 -6.26 10.89 15.34
N GLY B 96 -5.26 10.03 15.56
CA GLY B 96 -4.20 10.37 16.47
C GLY B 96 -3.52 9.17 17.09
N GLN B 97 -2.43 9.43 17.78
CA GLN B 97 -1.65 8.39 18.42
C GLN B 97 -2.41 7.71 19.55
N THR B 98 -2.15 6.43 19.77
CA THR B 98 -2.79 5.70 20.86
C THR B 98 -2.51 6.43 22.17
N GLY B 99 -3.56 6.62 22.97
CA GLY B 99 -3.43 7.28 24.26
C GLY B 99 -3.72 8.77 24.28
N THR B 100 -4.14 9.32 23.14
CA THR B 100 -4.41 10.76 23.08
C THR B 100 -5.88 11.16 23.23
N GLY B 101 -6.79 10.18 23.19
CA GLY B 101 -8.19 10.51 23.36
C GLY B 101 -9.16 10.24 22.22
N LYS B 102 -8.81 9.38 21.26
CA LYS B 102 -9.74 9.09 20.18
C LYS B 102 -11.00 8.43 20.72
N THR B 103 -10.84 7.38 21.51
CA THR B 103 -11.99 6.70 22.06
C THR B 103 -12.70 7.56 23.10
N PHE B 104 -11.93 8.29 23.90
CA PHE B 104 -12.53 9.16 24.89
C PHE B 104 -13.45 10.17 24.19
N THR B 105 -12.99 10.69 23.06
CA THR B 105 -13.77 11.68 22.33
C THR B 105 -14.97 11.08 21.61
N MET B 106 -14.73 10.00 20.89
CA MET B 106 -15.81 9.38 20.11
C MET B 106 -16.83 8.61 20.94
N GLU B 107 -16.38 7.98 22.02
CA GLU B 107 -17.26 7.17 22.86
C GLU B 107 -17.47 7.73 24.25
N GLY B 108 -16.38 8.18 24.86
CA GLY B 108 -16.46 8.68 26.22
C GLY B 108 -16.34 7.51 27.16
N GLU B 109 -16.50 7.76 28.46
CA GLU B 109 -16.39 6.70 29.46
C GLU B 109 -17.43 6.99 30.53
N ARG B 110 -17.49 6.13 31.55
CA ARG B 110 -18.43 6.34 32.63
C ARG B 110 -17.70 6.97 33.81
N SER B 111 -18.37 7.89 34.49
CA SER B 111 -17.78 8.50 35.66
C SER B 111 -17.78 7.36 36.69
N PRO B 112 -16.75 7.32 37.54
CA PRO B 112 -16.63 6.28 38.56
C PRO B 112 -17.78 6.21 39.56
N ASN B 113 -17.90 5.04 40.18
CA ASN B 113 -18.89 4.81 41.23
C ASN B 113 -20.35 5.05 40.92
N GLU B 114 -20.76 4.79 39.67
CA GLU B 114 -22.16 4.97 39.27
C GLU B 114 -22.72 6.32 39.68
N GLU B 115 -21.91 7.36 39.59
CA GLU B 115 -22.36 8.69 39.98
C GLU B 115 -23.49 9.22 39.09
N TYR B 116 -23.44 8.91 37.80
CA TYR B 116 -24.47 9.39 36.87
C TYR B 116 -25.10 8.29 36.04
N THR B 117 -26.25 8.62 35.46
CA THR B 117 -26.93 7.70 34.56
C THR B 117 -26.21 8.00 33.24
N TRP B 118 -26.29 7.09 32.28
CA TRP B 118 -25.57 7.32 31.03
C TRP B 118 -25.99 8.59 30.29
N GLU B 119 -27.26 8.96 30.39
CA GLU B 119 -27.76 10.15 29.69
C GLU B 119 -27.21 11.47 30.20
N GLU B 120 -26.75 11.51 31.44
CA GLU B 120 -26.22 12.76 31.98
C GLU B 120 -24.78 12.67 32.45
N ASP B 121 -24.09 11.59 32.09
CA ASP B 121 -22.71 11.43 32.51
C ASP B 121 -21.83 12.44 31.76
N PRO B 122 -21.14 13.32 32.49
CA PRO B 122 -20.29 14.32 31.85
C PRO B 122 -19.16 13.74 31.00
N LEU B 123 -18.81 12.47 31.23
CA LEU B 123 -17.74 11.87 30.47
C LEU B 123 -18.20 11.18 29.19
N ALA B 124 -19.51 11.16 28.94
CA ALA B 124 -20.04 10.55 27.74
C ALA B 124 -19.47 11.27 26.53
N GLY B 125 -19.19 10.51 25.47
CA GLY B 125 -18.63 11.09 24.26
C GLY B 125 -19.64 11.33 23.17
N ILE B 126 -19.15 11.49 21.95
CA ILE B 126 -20.00 11.76 20.81
C ILE B 126 -21.11 10.76 20.50
N ILE B 127 -20.79 9.48 20.44
CA ILE B 127 -21.81 8.48 20.12
C ILE B 127 -23.03 8.47 21.05
N PRO B 128 -22.83 8.32 22.37
CA PRO B 128 -24.02 8.32 23.24
C PRO B 128 -24.80 9.64 23.23
N ARG B 129 -24.08 10.76 23.19
CA ARG B 129 -24.74 12.07 23.18
C ARG B 129 -25.56 12.24 21.91
N THR B 130 -25.02 11.79 20.79
CA THR B 130 -25.72 11.89 19.51
C THR B 130 -27.00 11.06 19.51
N LEU B 131 -26.89 9.81 19.95
CA LEU B 131 -28.07 8.94 19.98
C LEU B 131 -29.13 9.53 20.90
N HIS B 132 -28.72 10.04 22.05
CA HIS B 132 -29.68 10.63 22.98
C HIS B 132 -30.36 11.86 22.37
N GLN B 133 -29.59 12.70 21.71
CA GLN B 133 -30.14 13.91 21.10
C GLN B 133 -31.06 13.65 19.91
N ILE B 134 -30.82 12.57 19.17
CA ILE B 134 -31.69 12.26 18.04
C ILE B 134 -33.11 12.05 18.55
N PHE B 135 -33.24 11.26 19.62
CA PHE B 135 -34.55 10.99 20.19
C PHE B 135 -35.14 12.23 20.85
N GLU B 136 -34.29 12.99 21.54
CA GLU B 136 -34.75 14.20 22.22
C GLU B 136 -35.29 15.21 21.22
N LYS B 137 -34.61 15.35 20.09
CA LYS B 137 -35.01 16.32 19.07
C LYS B 137 -36.18 15.91 18.17
N LEU B 138 -36.30 14.63 17.86
CA LEU B 138 -37.37 14.18 16.96
C LEU B 138 -38.64 13.68 17.63
N THR B 139 -38.53 13.16 18.85
CA THR B 139 -39.70 12.62 19.55
C THR B 139 -40.78 13.64 19.87
N ASP B 140 -42.02 13.31 19.51
CA ASP B 140 -43.17 14.16 19.75
C ASP B 140 -42.98 15.57 19.22
N ASN B 141 -42.35 15.69 18.06
CA ASN B 141 -42.11 17.01 17.47
C ASN B 141 -42.56 17.09 16.01
N GLY B 142 -43.56 16.29 15.67
CA GLY B 142 -44.09 16.30 14.31
C GLY B 142 -43.34 15.47 13.29
N THR B 143 -42.41 14.64 13.76
CA THR B 143 -41.63 13.81 12.85
C THR B 143 -41.70 12.33 13.21
N GLU B 144 -42.17 11.52 12.26
CA GLU B 144 -42.22 10.08 12.45
C GLU B 144 -40.82 9.64 12.04
N PHE B 145 -40.15 8.85 12.87
CA PHE B 145 -38.80 8.45 12.53
C PHE B 145 -38.38 7.09 13.08
N SER B 146 -37.35 6.52 12.46
CA SER B 146 -36.81 5.24 12.88
C SER B 146 -35.29 5.40 12.90
N VAL B 147 -34.65 4.79 13.90
CA VAL B 147 -33.21 4.87 14.04
C VAL B 147 -32.60 3.47 13.96
N LYS B 148 -31.55 3.33 13.17
CA LYS B 148 -30.86 2.04 13.02
C LYS B 148 -29.37 2.29 13.19
N VAL B 149 -28.70 1.38 13.88
CA VAL B 149 -27.26 1.53 14.09
C VAL B 149 -26.52 0.25 13.73
N SER B 150 -25.24 0.41 13.38
CA SER B 150 -24.40 -0.72 13.05
C SER B 150 -23.00 -0.36 13.51
N LEU B 151 -22.21 -1.38 13.83
CA LEU B 151 -20.83 -1.15 14.26
C LEU B 151 -19.96 -2.13 13.51
N LEU B 152 -19.29 -1.61 12.49
CA LEU B 152 -18.42 -2.39 11.64
C LEU B 152 -16.98 -2.11 12.01
N GLU B 153 -16.21 -3.15 12.26
CA GLU B 153 -14.83 -2.95 12.62
C GLU B 153 -13.89 -3.67 11.68
N ILE B 154 -12.74 -3.07 11.47
CA ILE B 154 -11.72 -3.59 10.56
C ILE B 154 -10.45 -3.89 11.32
N TYR B 155 -9.96 -5.12 11.21
CA TYR B 155 -8.72 -5.52 11.85
C TYR B 155 -7.95 -6.42 10.88
N ASN B 156 -6.73 -6.02 10.54
CA ASN B 156 -5.92 -6.81 9.61
C ASN B 156 -6.69 -7.03 8.30
N GLU B 157 -7.42 -6.00 7.90
CA GLU B 157 -8.23 -6.02 6.67
C GLU B 157 -9.36 -7.04 6.65
N GLU B 158 -9.79 -7.46 7.84
CA GLU B 158 -10.91 -8.37 7.95
C GLU B 158 -12.03 -7.57 8.60
N LEU B 159 -13.28 -7.91 8.29
CA LEU B 159 -14.43 -7.19 8.81
C LEU B 159 -15.19 -7.92 9.89
N PHE B 160 -15.60 -7.18 10.91
CA PHE B 160 -16.34 -7.76 12.02
C PHE B 160 -17.56 -6.93 12.40
N ASP B 161 -18.62 -7.61 12.82
CA ASP B 161 -19.85 -6.96 13.25
C ASP B 161 -19.87 -7.04 14.77
N LEU B 162 -19.66 -5.91 15.43
CA LEU B 162 -19.62 -5.90 16.89
C LEU B 162 -20.94 -5.72 17.62
N LEU B 163 -22.04 -5.60 16.89
CA LEU B 163 -23.35 -5.43 17.54
C LEU B 163 -24.23 -6.67 17.43
N ASN B 164 -23.94 -7.54 16.47
CA ASN B 164 -24.70 -8.76 16.26
C ASN B 164 -24.70 -9.63 17.52
N PRO B 165 -25.83 -9.68 18.24
CA PRO B 165 -25.97 -10.48 19.47
C PRO B 165 -25.85 -11.98 19.29
N SER B 166 -26.11 -12.48 18.08
CA SER B 166 -26.04 -13.91 17.82
C SER B 166 -24.87 -14.32 16.94
N SER B 167 -23.83 -13.50 16.93
CA SER B 167 -22.65 -13.79 16.12
C SER B 167 -21.38 -13.79 16.97
N ASP B 168 -20.40 -14.58 16.56
CA ASP B 168 -19.13 -14.67 17.27
C ASP B 168 -18.07 -13.85 16.55
N VAL B 169 -17.09 -13.37 17.30
CA VAL B 169 -16.02 -12.53 16.74
C VAL B 169 -15.12 -13.28 15.76
N SER B 170 -15.24 -14.60 15.69
CA SER B 170 -14.42 -15.37 14.76
C SER B 170 -15.06 -15.35 13.38
N GLU B 171 -16.32 -14.91 13.32
CA GLU B 171 -17.05 -14.83 12.05
C GLU B 171 -16.79 -13.50 11.36
N ARG B 172 -16.08 -13.56 10.24
CA ARG B 172 -15.76 -12.37 9.47
C ARG B 172 -16.81 -12.13 8.39
N LEU B 173 -17.00 -10.88 8.02
CA LEU B 173 -17.98 -10.51 7.00
C LEU B 173 -17.29 -10.35 5.65
N GLN B 174 -18.07 -10.44 4.58
CA GLN B 174 -17.51 -10.28 3.24
C GLN B 174 -18.00 -8.98 2.64
N MET B 175 -17.11 -8.30 1.93
CA MET B 175 -17.43 -7.03 1.30
C MET B 175 -17.49 -7.25 -0.21
N PHE B 176 -18.50 -6.65 -0.85
CA PHE B 176 -18.67 -6.76 -2.30
C PHE B 176 -18.98 -5.39 -2.87
N ASP B 177 -18.67 -5.19 -4.15
CA ASP B 177 -18.97 -3.93 -4.79
C ASP B 177 -20.47 -3.94 -5.04
N ASP B 178 -21.11 -2.79 -4.84
CA ASP B 178 -22.56 -2.69 -5.04
C ASP B 178 -22.84 -2.66 -6.54
N PRO B 179 -23.58 -3.65 -7.06
CA PRO B 179 -23.89 -3.69 -8.49
C PRO B 179 -24.55 -2.39 -8.96
N ARG B 180 -25.21 -1.71 -8.03
CA ARG B 180 -25.89 -0.45 -8.32
C ARG B 180 -24.93 0.73 -8.34
N ASN B 181 -24.34 1.03 -7.18
CA ASN B 181 -23.41 2.14 -7.05
C ASN B 181 -21.97 1.71 -7.33
N LYS B 182 -21.35 2.35 -8.31
CA LYS B 182 -19.97 2.04 -8.68
C LYS B 182 -18.97 2.27 -7.54
N ARG B 183 -19.14 3.38 -6.83
CA ARG B 183 -18.25 3.71 -5.73
C ARG B 183 -18.87 3.33 -4.38
N GLY B 184 -19.70 2.29 -4.40
CA GLY B 184 -20.35 1.83 -3.18
C GLY B 184 -20.01 0.37 -2.92
N VAL B 185 -20.37 -0.13 -1.75
CA VAL B 185 -20.09 -1.52 -1.42
C VAL B 185 -21.21 -2.15 -0.60
N ILE B 186 -21.20 -3.47 -0.54
CA ILE B 186 -22.19 -4.21 0.22
C ILE B 186 -21.47 -5.06 1.26
N ILE B 187 -21.84 -4.90 2.53
CA ILE B 187 -21.23 -5.67 3.60
C ILE B 187 -22.22 -6.78 3.95
N LYS B 188 -22.03 -7.93 3.31
CA LYS B 188 -22.92 -9.06 3.53
C LYS B 188 -22.89 -9.57 4.97
N GLY B 189 -24.06 -9.57 5.61
CA GLY B 189 -24.15 -10.06 6.97
C GLY B 189 -24.12 -9.00 8.06
N LEU B 190 -23.76 -7.77 7.71
CA LEU B 190 -23.71 -6.71 8.71
C LEU B 190 -25.12 -6.44 9.24
N GLU B 191 -25.27 -6.50 10.55
CA GLU B 191 -26.57 -6.28 11.16
C GLU B 191 -26.84 -4.84 11.54
N GLU B 192 -28.03 -4.36 11.21
CA GLU B 192 -28.44 -3.01 11.56
C GLU B 192 -29.48 -3.19 12.65
N ILE B 193 -29.19 -2.67 13.83
CA ILE B 193 -30.09 -2.80 14.96
C ILE B 193 -31.03 -1.60 15.06
N THR B 194 -32.32 -1.88 15.17
CA THR B 194 -33.29 -0.80 15.30
C THR B 194 -33.31 -0.35 16.75
N VAL B 195 -33.18 0.96 16.95
CA VAL B 195 -33.22 1.55 18.29
C VAL B 195 -34.60 2.19 18.38
N HIS B 196 -35.55 1.48 18.99
CA HIS B 196 -36.93 1.96 19.10
C HIS B 196 -37.15 3.23 19.92
N ASN B 197 -36.32 3.43 20.95
CA ASN B 197 -36.44 4.61 21.78
C ASN B 197 -35.14 4.82 22.54
N LYS B 198 -34.99 5.98 23.17
CA LYS B 198 -33.76 6.28 23.89
C LYS B 198 -33.44 5.27 24.98
N ASP B 199 -34.45 4.58 25.49
CA ASP B 199 -34.22 3.61 26.54
C ASP B 199 -33.66 2.26 26.06
N GLU B 200 -33.36 2.17 24.77
CA GLU B 200 -32.79 0.95 24.21
C GLU B 200 -31.34 1.20 23.79
N VAL B 201 -30.94 2.47 23.87
CA VAL B 201 -29.59 2.87 23.46
C VAL B 201 -28.43 2.27 24.25
N TYR B 202 -28.40 2.50 25.56
CA TYR B 202 -27.29 2.01 26.35
C TYR B 202 -27.04 0.50 26.26
N GLN B 203 -28.10 -0.29 26.32
CA GLN B 203 -27.94 -1.74 26.25
C GLN B 203 -27.26 -2.15 24.94
N ILE B 204 -27.59 -1.46 23.85
CA ILE B 204 -27.02 -1.77 22.56
C ILE B 204 -25.52 -1.44 22.57
N LEU B 205 -25.18 -0.29 23.13
CA LEU B 205 -23.78 0.13 23.21
C LEU B 205 -22.99 -0.81 24.12
N GLU B 206 -23.61 -1.24 25.22
CA GLU B 206 -22.94 -2.15 26.15
C GLU B 206 -22.66 -3.49 25.48
N LYS B 207 -23.58 -3.96 24.65
CA LYS B 207 -23.40 -5.23 23.96
C LYS B 207 -22.16 -5.17 23.08
N GLY B 208 -22.01 -4.05 22.37
CA GLY B 208 -20.86 -3.89 21.51
C GLY B 208 -19.57 -3.87 22.31
N ALA B 209 -19.61 -3.24 23.48
CA ALA B 209 -18.43 -3.16 24.34
C ALA B 209 -18.04 -4.56 24.83
N ALA B 210 -19.03 -5.37 25.17
CA ALA B 210 -18.77 -6.72 25.65
C ALA B 210 -18.14 -7.57 24.55
N LYS B 211 -18.67 -7.44 23.33
CA LYS B 211 -18.13 -8.22 22.22
C LYS B 211 -16.71 -7.77 21.90
N ARG B 212 -16.43 -6.49 22.08
CA ARG B 212 -15.09 -5.97 21.82
C ARG B 212 -14.08 -6.57 22.77
N THR B 213 -14.52 -6.89 23.98
CA THR B 213 -13.61 -7.48 24.96
C THR B 213 -13.18 -8.84 24.43
N THR B 214 -14.10 -9.58 23.82
CA THR B 214 -13.76 -10.88 23.27
C THR B 214 -12.82 -10.71 22.07
N ALA B 215 -13.03 -9.67 21.29
CA ALA B 215 -12.17 -9.43 20.14
C ALA B 215 -10.74 -9.15 20.62
N ALA B 216 -10.62 -8.41 21.71
CA ALA B 216 -9.31 -8.05 22.27
C ALA B 216 -8.54 -9.29 22.74
N THR B 217 -9.27 -10.28 23.23
CA THR B 217 -8.66 -11.51 23.71
C THR B 217 -8.12 -12.31 22.53
N LEU B 218 -8.88 -12.29 21.43
CA LEU B 218 -8.52 -13.05 20.23
C LEU B 218 -7.54 -12.39 19.27
N MET B 219 -7.56 -11.06 19.20
CA MET B 219 -6.69 -10.32 18.29
C MET B 219 -5.75 -9.36 19.02
N ASN B 220 -4.46 -9.46 18.69
CA ASN B 220 -3.44 -8.65 19.33
C ASN B 220 -3.62 -7.15 19.17
N ALA B 221 -3.52 -6.44 20.30
CA ALA B 221 -3.67 -4.98 20.33
C ALA B 221 -4.89 -4.53 19.55
N TYR B 222 -5.97 -5.26 19.70
CA TYR B 222 -7.20 -4.95 18.98
C TYR B 222 -7.69 -3.51 19.11
N SER B 223 -7.72 -2.99 20.34
CA SER B 223 -8.19 -1.64 20.59
C SER B 223 -7.36 -0.54 19.91
N SER B 224 -6.10 -0.85 19.62
CA SER B 224 -5.19 0.10 19.01
C SER B 224 -5.04 -0.05 17.51
N ARG B 225 -5.16 -1.28 17.03
CA ARG B 225 -4.95 -1.56 15.61
C ARG B 225 -6.22 -1.63 14.76
N SER B 226 -7.36 -1.75 15.39
CA SER B 226 -8.62 -1.85 14.64
C SER B 226 -9.19 -0.48 14.32
N HIS B 227 -10.08 -0.44 13.33
CA HIS B 227 -10.78 0.78 12.94
C HIS B 227 -12.24 0.44 13.21
N SER B 228 -13.00 1.37 13.79
CA SER B 228 -14.40 1.08 14.02
C SER B 228 -15.26 2.14 13.37
N VAL B 229 -16.34 1.70 12.74
CA VAL B 229 -17.26 2.61 12.07
C VAL B 229 -18.63 2.40 12.71
N PHE B 230 -19.06 3.39 13.49
CA PHE B 230 -20.37 3.31 14.12
C PHE B 230 -21.27 4.16 13.24
N SER B 231 -22.26 3.52 12.63
CA SER B 231 -23.16 4.24 11.73
C SER B 231 -24.57 4.35 12.27
N VAL B 232 -25.15 5.53 12.12
CA VAL B 232 -26.51 5.79 12.56
C VAL B 232 -27.28 6.26 11.35
N THR B 233 -28.42 5.62 11.09
CA THR B 233 -29.25 5.99 9.95
C THR B 233 -30.61 6.39 10.49
N ILE B 234 -31.11 7.53 10.02
CA ILE B 234 -32.40 8.02 10.48
C ILE B 234 -33.34 8.17 9.30
N HIS B 235 -34.48 7.49 9.36
CA HIS B 235 -35.50 7.59 8.33
C HIS B 235 -36.54 8.50 8.95
N MET B 236 -36.86 9.58 8.26
CA MET B 236 -37.81 10.54 8.79
C MET B 236 -38.94 10.89 7.84
N LYS B 237 -40.10 11.13 8.43
CA LYS B 237 -41.28 11.54 7.68
C LYS B 237 -41.84 12.65 8.54
N GLU B 238 -41.51 13.89 8.19
CA GLU B 238 -41.97 15.02 8.97
C GLU B 238 -43.20 15.65 8.35
N THR B 239 -44.14 16.03 9.21
CA THR B 239 -45.36 16.68 8.78
C THR B 239 -45.32 18.08 9.37
N THR B 240 -45.13 19.08 8.52
CA THR B 240 -45.05 20.46 8.97
C THR B 240 -46.35 20.85 9.64
N ILE B 241 -46.35 21.97 10.35
CA ILE B 241 -47.56 22.43 11.02
C ILE B 241 -48.59 22.84 9.98
N ASP B 242 -48.15 22.90 8.73
CA ASP B 242 -49.03 23.29 7.61
C ASP B 242 -49.58 22.05 6.90
N GLY B 243 -49.23 20.86 7.41
CA GLY B 243 -49.73 19.64 6.82
C GLY B 243 -48.92 19.01 5.70
N GLU B 244 -47.77 19.60 5.39
CA GLU B 244 -46.92 19.06 4.33
C GLU B 244 -46.04 17.94 4.86
N GLU B 245 -45.97 16.83 4.13
CA GLU B 245 -45.13 15.70 4.55
C GLU B 245 -43.81 15.69 3.80
N LEU B 246 -42.71 15.62 4.54
CA LEU B 246 -41.38 15.60 3.95
C LEU B 246 -40.62 14.35 4.38
N VAL B 247 -40.25 13.52 3.41
CA VAL B 247 -39.51 12.30 3.69
C VAL B 247 -38.01 12.58 3.57
N LYS B 248 -37.25 12.19 4.59
CA LYS B 248 -35.82 12.42 4.60
C LYS B 248 -35.06 11.21 5.13
N ILE B 249 -33.82 11.08 4.72
CA ILE B 249 -32.95 10.00 5.17
C ILE B 249 -31.59 10.62 5.50
N GLY B 250 -31.15 10.42 6.74
CA GLY B 250 -29.86 10.97 7.14
C GLY B 250 -28.97 9.87 7.68
N LYS B 251 -27.68 9.99 7.46
CA LYS B 251 -26.75 8.99 7.96
C LYS B 251 -25.53 9.67 8.54
N LEU B 252 -25.04 9.13 9.65
CA LEU B 252 -23.87 9.66 10.32
C LEU B 252 -22.92 8.50 10.63
N ASN B 253 -21.66 8.66 10.22
CA ASN B 253 -20.63 7.66 10.47
C ASN B 253 -19.68 8.25 11.51
N LEU B 254 -19.49 7.53 12.62
CA LEU B 254 -18.60 7.99 13.68
C LEU B 254 -17.46 6.97 13.69
N VAL B 255 -16.30 7.40 13.22
CA VAL B 255 -15.14 6.54 13.06
C VAL B 255 -14.00 6.75 14.04
N ASP B 256 -13.61 5.66 14.70
CA ASP B 256 -12.50 5.67 15.65
C ASP B 256 -11.39 4.90 14.91
N LEU B 257 -10.44 5.63 14.35
CA LEU B 257 -9.35 5.02 13.58
C LEU B 257 -8.28 4.36 14.44
N ALA B 258 -7.53 3.47 13.81
CA ALA B 258 -6.42 2.79 14.49
C ALA B 258 -5.40 3.87 14.86
N GLY B 259 -4.65 3.61 15.92
CA GLY B 259 -3.62 4.55 16.37
C GLY B 259 -2.64 4.85 15.25
N SER B 260 -2.27 6.13 15.13
CA SER B 260 -1.38 6.57 14.07
C SER B 260 0.13 6.45 14.33
N GLU B 261 0.50 5.98 15.51
CA GLU B 261 1.92 5.87 15.87
C GLU B 261 2.72 4.92 14.99
N ASN B 262 4.00 5.23 14.81
CA ASN B 262 4.89 4.41 14.02
C ASN B 262 5.26 3.15 14.80
N ILE B 279 1.44 -4.22 9.93
CA ILE B 279 1.14 -3.28 8.87
C ILE B 279 -0.37 -3.03 8.82
N ASN B 280 -0.76 -1.76 8.85
CA ASN B 280 -2.18 -1.41 8.81
C ASN B 280 -2.52 -0.87 7.42
N GLN B 281 -2.94 -1.76 6.54
CA GLN B 281 -3.28 -1.39 5.18
C GLN B 281 -4.33 -0.29 5.09
N SER B 282 -5.33 -0.32 5.95
CA SER B 282 -6.37 0.70 5.90
C SER B 282 -5.84 2.07 6.32
N LEU B 283 -5.02 2.11 7.36
CA LEU B 283 -4.46 3.39 7.79
C LEU B 283 -3.50 3.90 6.72
N LEU B 284 -2.68 3.02 6.17
CA LEU B 284 -1.73 3.42 5.12
C LEU B 284 -2.47 3.97 3.91
N THR B 285 -3.54 3.29 3.50
CA THR B 285 -4.31 3.72 2.34
C THR B 285 -5.05 5.03 2.61
N LEU B 286 -5.56 5.20 3.83
CA LEU B 286 -6.26 6.43 4.16
C LEU B 286 -5.33 7.62 3.90
N GLY B 287 -4.08 7.49 4.32
CA GLY B 287 -3.12 8.56 4.13
C GLY B 287 -2.83 8.82 2.65
N ARG B 288 -2.76 7.75 1.87
CA ARG B 288 -2.48 7.88 0.44
C ARG B 288 -3.67 8.47 -0.30
N VAL B 289 -4.87 8.17 0.18
CA VAL B 289 -6.08 8.71 -0.44
C VAL B 289 -6.10 10.22 -0.18
N ILE B 290 -5.84 10.62 1.06
CA ILE B 290 -5.83 12.03 1.40
C ILE B 290 -4.80 12.78 0.54
N THR B 291 -3.61 12.20 0.41
CA THR B 291 -2.56 12.82 -0.38
C THR B 291 -2.98 12.99 -1.85
N ALA B 292 -3.56 11.95 -2.43
CA ALA B 292 -4.01 12.00 -3.82
C ALA B 292 -5.10 13.06 -4.01
N LEU B 293 -5.96 13.20 -3.01
CA LEU B 293 -7.04 14.17 -3.08
C LEU B 293 -6.50 15.60 -2.95
N VAL B 294 -5.57 15.81 -2.04
CA VAL B 294 -5.00 17.14 -1.83
C VAL B 294 -4.09 17.56 -2.99
N GLU B 295 -3.40 16.59 -3.59
CA GLU B 295 -2.51 16.88 -4.70
C GLU B 295 -3.27 16.78 -6.01
N ARG B 296 -4.57 16.47 -5.90
CA ARG B 296 -5.46 16.33 -7.05
C ARG B 296 -4.95 15.36 -8.11
N THR B 297 -4.41 14.24 -7.65
CA THR B 297 -3.90 13.21 -8.55
C THR B 297 -5.12 12.54 -9.20
N PRO B 298 -5.07 12.33 -10.52
CA PRO B 298 -6.20 11.70 -11.22
C PRO B 298 -6.72 10.42 -10.57
N HIS B 299 -5.81 9.55 -10.14
CA HIS B 299 -6.22 8.30 -9.50
C HIS B 299 -6.11 8.34 -7.99
N VAL B 300 -7.22 8.03 -7.32
CA VAL B 300 -7.29 7.99 -5.87
C VAL B 300 -7.47 6.52 -5.49
N PRO B 301 -6.51 5.94 -4.77
CA PRO B 301 -6.53 4.53 -4.35
C PRO B 301 -7.56 4.04 -3.34
N TYR B 302 -8.82 4.44 -3.50
CA TYR B 302 -9.87 4.00 -2.58
C TYR B 302 -9.91 2.48 -2.44
N ARG B 303 -9.82 1.77 -3.56
CA ARG B 303 -9.91 0.32 -3.54
C ARG B 303 -8.77 -0.44 -2.88
N GLU B 304 -7.70 0.25 -2.49
CA GLU B 304 -6.58 -0.43 -1.87
C GLU B 304 -6.74 -0.84 -0.40
N SER B 305 -7.88 -0.52 0.20
CA SER B 305 -8.13 -0.93 1.58
C SER B 305 -9.63 -0.97 1.86
N LYS B 306 -10.03 -1.78 2.83
CA LYS B 306 -11.45 -1.89 3.14
C LYS B 306 -12.00 -0.60 3.73
N LEU B 307 -11.20 0.07 4.56
CA LEU B 307 -11.65 1.32 5.19
C LEU B 307 -11.98 2.39 4.15
N THR B 308 -11.07 2.61 3.20
CA THR B 308 -11.30 3.62 2.18
C THR B 308 -12.36 3.23 1.16
N ARG B 309 -12.65 1.95 1.02
CA ARG B 309 -13.69 1.52 0.10
C ARG B 309 -15.04 1.79 0.77
N ILE B 310 -15.13 1.46 2.04
CA ILE B 310 -16.35 1.65 2.81
C ILE B 310 -16.69 3.13 3.00
N LEU B 311 -15.66 3.94 3.22
CA LEU B 311 -15.86 5.37 3.45
C LEU B 311 -15.48 6.26 2.27
N GLN B 312 -15.48 5.68 1.08
CA GLN B 312 -15.11 6.42 -0.12
C GLN B 312 -15.86 7.75 -0.28
N ASP B 313 -17.16 7.76 0.01
CA ASP B 313 -17.93 8.99 -0.15
C ASP B 313 -17.60 10.07 0.88
N SER B 314 -16.90 9.70 1.95
CA SER B 314 -16.53 10.65 2.98
C SER B 314 -15.21 11.33 2.64
N LEU B 315 -14.53 10.80 1.62
CA LEU B 315 -13.25 11.34 1.21
C LEU B 315 -13.32 11.85 -0.22
N GLY B 316 -13.72 13.10 -0.37
CA GLY B 316 -13.85 13.68 -1.69
C GLY B 316 -15.20 13.37 -2.31
N GLY B 317 -16.14 12.91 -1.49
CA GLY B 317 -17.46 12.58 -1.97
C GLY B 317 -18.56 13.57 -1.62
N ARG B 318 -19.80 13.09 -1.56
CA ARG B 318 -20.96 13.93 -1.25
C ARG B 318 -21.33 13.92 0.22
N THR B 319 -20.41 13.47 1.06
CA THR B 319 -20.65 13.41 2.49
C THR B 319 -19.90 14.55 3.17
N ARG B 320 -20.52 15.17 4.18
CA ARG B 320 -19.85 16.25 4.91
C ARG B 320 -18.95 15.55 5.91
N THR B 321 -17.65 15.76 5.80
CA THR B 321 -16.69 15.11 6.69
C THR B 321 -15.90 16.04 7.59
N SER B 322 -15.68 15.59 8.82
CA SER B 322 -14.92 16.33 9.81
C SER B 322 -13.91 15.37 10.41
N ILE B 323 -12.75 15.89 10.78
CA ILE B 323 -11.72 15.07 11.40
C ILE B 323 -11.33 15.69 12.74
N ILE B 324 -11.35 14.90 13.80
CA ILE B 324 -10.94 15.39 15.10
C ILE B 324 -9.58 14.74 15.36
N ALA B 325 -8.53 15.55 15.29
CA ALA B 325 -7.19 15.03 15.52
C ALA B 325 -6.86 15.23 17.00
N THR B 326 -6.54 14.13 17.66
CA THR B 326 -6.23 14.16 19.09
C THR B 326 -4.72 14.15 19.32
N ILE B 327 -4.25 14.99 20.25
CA ILE B 327 -2.83 15.06 20.56
C ILE B 327 -2.55 15.07 22.06
N SER B 328 -1.28 14.83 22.39
CA SER B 328 -0.83 14.80 23.78
C SER B 328 0.00 16.05 24.08
N PRO B 329 -0.05 16.54 25.32
CA PRO B 329 0.74 17.72 25.67
C PRO B 329 2.13 17.33 26.19
N ALA B 330 2.38 16.04 26.29
CA ALA B 330 3.64 15.54 26.81
C ALA B 330 4.82 15.62 25.84
N SER B 331 5.95 16.05 26.38
CA SER B 331 7.19 16.19 25.61
C SER B 331 7.63 14.85 25.01
N LEU B 332 7.29 13.76 25.67
CA LEU B 332 7.65 12.42 25.21
C LEU B 332 7.02 12.08 23.86
N ASN B 333 5.86 12.69 23.58
CA ASN B 333 5.15 12.42 22.34
C ASN B 333 5.35 13.48 21.25
N LEU B 334 6.38 14.31 21.40
CA LEU B 334 6.66 15.35 20.42
C LEU B 334 6.58 14.91 18.96
N GLU B 335 7.37 13.90 18.60
CA GLU B 335 7.41 13.42 17.22
C GLU B 335 6.05 12.98 16.66
N GLU B 336 5.29 12.24 17.46
CA GLU B 336 3.98 11.77 17.00
C GLU B 336 2.98 12.91 16.97
N THR B 337 3.11 13.86 17.91
CA THR B 337 2.21 15.00 17.94
C THR B 337 2.40 15.81 16.67
N LEU B 338 3.66 16.06 16.31
CA LEU B 338 3.93 16.83 15.10
C LEU B 338 3.41 16.06 13.90
N SER B 339 3.57 14.74 13.91
CA SER B 339 3.10 13.92 12.80
C SER B 339 1.59 14.05 12.63
N THR B 340 0.88 14.01 13.75
CA THR B 340 -0.58 14.14 13.72
C THR B 340 -1.01 15.52 13.22
N LEU B 341 -0.37 16.57 13.72
CA LEU B 341 -0.73 17.91 13.29
C LEU B 341 -0.46 18.11 11.80
N GLU B 342 0.67 17.61 11.32
CA GLU B 342 1.01 17.75 9.90
C GLU B 342 -0.02 17.00 9.05
N TYR B 343 -0.37 15.80 9.48
CA TYR B 343 -1.33 14.97 8.77
C TYR B 343 -2.71 15.65 8.74
N ALA B 344 -3.12 16.15 9.89
CA ALA B 344 -4.42 16.81 10.01
C ALA B 344 -4.47 18.11 9.22
N HIS B 345 -3.38 18.86 9.24
CA HIS B 345 -3.34 20.13 8.54
C HIS B 345 -3.48 19.97 7.04
N ARG B 346 -2.93 18.87 6.52
CA ARG B 346 -2.98 18.57 5.10
C ARG B 346 -4.41 18.21 4.66
N ALA B 347 -5.13 17.49 5.52
CA ALA B 347 -6.49 17.06 5.21
C ALA B 347 -7.47 18.22 5.00
N LYS B 348 -7.12 19.40 5.49
CA LYS B 348 -7.98 20.57 5.36
C LYS B 348 -8.28 20.95 3.91
N ASN B 349 -7.38 20.58 3.00
CA ASN B 349 -7.55 20.92 1.59
C ASN B 349 -8.43 19.96 0.77
N ILE B 350 -9.05 18.99 1.43
CA ILE B 350 -9.90 18.05 0.72
C ILE B 350 -11.29 18.65 0.53
N LEU B 351 -11.75 18.67 -0.72
CA LEU B 351 -13.07 19.24 -1.04
C LEU B 351 -14.14 18.19 -1.25
N ASN B 352 -15.24 18.32 -0.53
CA ASN B 352 -16.39 17.42 -0.62
C ASN B 352 -17.59 18.20 -1.13
N LYS B 353 -18.62 17.50 -1.57
CA LYS B 353 -19.83 18.15 -2.07
C LYS B 353 -21.10 17.55 -1.47
N PRO B 354 -21.39 17.89 -0.20
CA PRO B 354 -22.58 17.38 0.50
C PRO B 354 -23.88 17.57 -0.30
N GLU B 355 -24.71 16.54 -0.32
CA GLU B 355 -25.97 16.57 -1.04
C GLU B 355 -27.02 15.71 -0.34
N VAL B 356 -28.27 16.20 -0.31
CA VAL B 356 -29.35 15.46 0.32
C VAL B 356 -29.49 14.10 -0.34
N ASN B 357 -29.89 13.09 0.44
CA ASN B 357 -30.08 11.75 -0.10
C ASN B 357 -31.32 11.67 -0.97
MG MG C . 6.20 -11.63 -20.15
PB ADP D . 6.42 -8.98 -22.15
O1B ADP D . 4.93 -9.02 -22.08
O2B ADP D . 7.06 -7.55 -21.76
O3B ADP D . 7.05 -10.04 -21.33
PA ADP D . 7.06 -10.49 -24.44
O1A ADP D . 8.51 -10.74 -24.44
O2A ADP D . 6.35 -11.65 -23.92
O3A ADP D . 6.79 -9.19 -23.62
O5' ADP D . 6.34 -10.19 -25.83
C5' ADP D . 6.64 -9.14 -26.70
C4' ADP D . 6.48 -9.71 -28.12
O4' ADP D . 7.46 -9.03 -28.86
C3' ADP D . 6.82 -11.20 -28.24
O3' ADP D . 5.99 -11.86 -29.23
C2' ADP D . 8.26 -11.26 -28.67
O2' ADP D . 8.59 -12.41 -29.45
C1' ADP D . 8.46 -9.92 -29.38
N9 ADP D . 9.77 -9.30 -29.07
C8 ADP D . 10.05 -8.62 -27.94
N7 ADP D . 11.30 -8.20 -27.99
C5 ADP D . 11.83 -8.59 -29.12
C6 ADP D . 13.07 -8.46 -29.73
N6 ADP D . 14.05 -7.77 -29.11
N1 ADP D . 13.29 -9.02 -30.96
C2 ADP D . 12.33 -9.71 -31.61
N3 ADP D . 11.12 -9.84 -31.03
C4 ADP D . 10.84 -9.31 -29.81
C1 NAT E . 15.86 -21.42 -23.43
C2 NAT E . 14.96 -20.55 -24.02
C3 NAT E . 15.19 -20.09 -25.33
C4 NAT E . 16.32 -20.52 -26.02
C5 NAT E . 17.22 -21.38 -25.42
C6 NAT E . 17.00 -21.84 -24.12
C7 NAT E . 13.72 -20.07 -23.27
N8 NAT E . 14.15 -19.45 -22.01
C9 NAT E . 13.88 -20.01 -20.75
N10 NAT E . 13.12 -21.19 -20.65
C11 NAT E . 12.59 -21.81 -21.79
C12 NAT E . 12.79 -21.26 -23.05
O13 NAT E . 16.53 -20.07 -27.29
C14 NAT E . 12.04 -21.82 -24.26
O15 NAT E . 11.39 -23.01 -24.14
C16 NAT E . 10.73 -23.42 -25.36
C17 NAT E . 9.96 -24.69 -25.06
C18 NAT E . 11.81 -23.11 -21.58
O19 NAT E . 12.03 -21.19 -25.32
S20 NAT E . 14.45 -19.26 -19.31
MG MG F . -8.98 3.99 21.62
PB ADP G . -6.99 6.49 22.44
O1B ADP G . -5.95 5.42 22.56
O2B ADP G . -6.57 7.71 21.47
O3B ADP G . -8.29 5.97 22.02
PA ADP G . -8.05 6.74 25.05
O1A ADP G . -9.25 7.60 25.01
O2A ADP G . -8.45 5.34 25.06
O3A ADP G . -7.13 7.11 23.84
O5' ADP G . -7.07 6.88 26.31
C5' ADP G . -6.39 8.03 26.70
C4' ADP G . -6.46 8.13 28.22
O4' ADP G . -6.51 9.51 28.44
C3' ADP G . -7.74 7.56 28.83
O3' ADP G . -7.50 7.02 30.14
C2' ADP G . -8.69 8.73 28.96
O2' ADP G . -9.61 8.61 30.06
C1' ADP G . -7.74 9.92 29.06
N9 ADP G . -8.25 11.08 28.30
C8 ADP G . -8.21 11.19 26.96
N7 ADP G . -8.72 12.36 26.60
C5 ADP G . -9.09 12.99 27.68
C6 ADP G . -9.67 14.23 27.95
N6 ADP G . -9.98 15.06 26.95
N1 ADP G . -9.92 14.59 29.24
C2 ADP G . -9.62 13.78 30.29
N3 ADP G . -9.06 12.59 30.04
C4 ADP G . -8.77 12.17 28.78
C1 NAT H . -21.88 5.54 26.87
C2 NAT H . -20.53 5.69 27.19
C3 NAT H . -20.15 6.59 28.18
C4 NAT H . -21.12 7.34 28.84
C5 NAT H . -22.47 7.20 28.52
C6 NAT H . -22.84 6.30 27.53
C7 NAT H . -19.46 4.88 26.45
N8 NAT H . -19.60 5.14 25.02
C9 NAT H . -19.99 4.16 24.10
N10 NAT H . -20.24 2.84 24.51
C11 NAT H . -20.07 2.47 25.85
C12 NAT H . -19.61 3.38 26.80
O13 NAT H . -20.74 8.22 29.81
C14 NAT H . -19.23 2.93 28.21
O15 NAT H . -19.54 1.66 28.59
C16 NAT H . -19.10 1.37 29.92
C17 NAT H . -19.35 -0.11 30.21
C18 NAT H . -20.40 1.03 26.24
O19 NAT H . -18.64 3.70 28.96
S20 NAT H . -20.14 4.55 22.43
#